data_7M3W
#
_entry.id   7M3W
#
_cell.length_a   131.600
_cell.length_b   131.600
_cell.length_c   107.810
_cell.angle_alpha   90.000
_cell.angle_beta   90.000
_cell.angle_gamma   90.000
#
_symmetry.space_group_name_H-M   'P 42 21 2'
#
loop_
_entity.id
_entity.type
_entity.pdbx_description
1 polymer 'Enoyl-CoA hydratase EchA15'
2 water water
#
_entity_poly.entity_id   1
_entity_poly.type   'polypeptide(L)'
_entity_poly.pdbx_seq_one_letter_code
;MAHHHHHHMGTLEAQTQGPGSMVPVSHPPVDYHDFPSLRCELGDDGVLTVVLDSPGLNSVGPQMHRDLADIWPVIDRDPA
VRAVLVRGEGKAFSSGGSFDLIDETIGDYQGRVRIMREARDLVHNMINCDTPVVSAIRGPAVGAGLVVALLADISVAGRT
AKLIDGHTKLGVAAGDHAAICWPLLVGMAKAKYYLLTCETLLGEEAERIGLVSLCVDDDDVLSTAAGIAGKLAQGAQHAI
QWTKRSLNHWYRMMGPTFETSVGLEFLSFSGPDVQEGLAAHREKRAARFTGGSAT
;
_entity_poly.pdbx_strand_id   A,B,C
#
# COMPACT_ATOMS: atom_id res chain seq x y z
N VAL A 25 -15.11 -38.25 9.01
CA VAL A 25 -15.97 -37.19 9.58
C VAL A 25 -17.15 -36.82 8.68
N SER A 26 -18.36 -37.00 9.20
CA SER A 26 -19.58 -36.74 8.42
C SER A 26 -19.89 -35.24 8.42
N HIS A 27 -19.99 -34.64 7.23
CA HIS A 27 -20.24 -33.22 7.03
C HIS A 27 -21.50 -33.00 6.20
N PRO A 28 -22.30 -31.98 6.52
CA PRO A 28 -23.60 -31.84 5.86
C PRO A 28 -23.45 -31.60 4.37
N PRO A 29 -24.43 -32.02 3.57
CA PRO A 29 -24.31 -31.86 2.12
C PRO A 29 -24.50 -30.43 1.66
N VAL A 30 -24.05 -30.19 0.42
CA VAL A 30 -24.02 -28.84 -0.17
C VAL A 30 -24.87 -28.84 -1.42
N ASP A 31 -25.88 -27.97 -1.45
CA ASP A 31 -26.59 -27.61 -2.67
C ASP A 31 -27.01 -26.15 -2.55
N TYR A 32 -26.93 -25.43 -3.67
CA TYR A 32 -27.14 -23.99 -3.69
C TYR A 32 -28.59 -23.61 -3.91
N HIS A 33 -29.52 -24.54 -3.70
CA HIS A 33 -30.93 -24.18 -3.70
C HIS A 33 -31.25 -23.14 -2.63
N ASP A 34 -30.41 -23.04 -1.60
CA ASP A 34 -30.62 -22.11 -0.50
C ASP A 34 -30.24 -20.67 -0.84
N PHE A 35 -29.75 -20.40 -2.04
CA PHE A 35 -29.37 -19.06 -2.47
C PHE A 35 -30.12 -18.75 -3.76
N PRO A 36 -31.41 -18.44 -3.66
CA PRO A 36 -32.26 -18.42 -4.86
C PRO A 36 -31.97 -17.29 -5.83
N SER A 37 -31.36 -16.18 -5.41
CA SER A 37 -31.16 -15.07 -6.33
C SER A 37 -29.93 -15.24 -7.22
N LEU A 38 -29.08 -16.22 -6.94
CA LEU A 38 -27.81 -16.41 -7.65
C LEU A 38 -27.86 -17.70 -8.44
N ARG A 39 -27.46 -17.63 -9.72
CA ARG A 39 -27.33 -18.82 -10.55
C ARG A 39 -25.93 -19.38 -10.41
N CYS A 40 -25.82 -20.66 -10.06
CA CYS A 40 -24.54 -21.29 -9.76
C CYS A 40 -24.38 -22.54 -10.61
N GLU A 41 -23.34 -22.55 -11.43
CA GLU A 41 -23.06 -23.65 -12.34
C GLU A 41 -21.65 -24.17 -12.06
N LEU A 42 -21.55 -25.47 -11.78
CA LEU A 42 -20.28 -26.12 -11.49
C LEU A 42 -19.80 -26.84 -12.75
N GLY A 43 -18.57 -26.51 -13.19
CA GLY A 43 -18.02 -27.08 -14.40
C GLY A 43 -17.19 -28.33 -14.18
N ASP A 44 -16.82 -28.98 -15.29
CA ASP A 44 -15.99 -30.18 -15.21
C ASP A 44 -14.60 -29.87 -14.66
N ASP A 45 -14.11 -28.64 -14.86
CA ASP A 45 -12.79 -28.24 -14.36
C ASP A 45 -12.77 -27.97 -12.86
N GLY A 46 -13.93 -27.83 -12.23
CA GLY A 46 -14.03 -27.43 -10.84
C GLY A 46 -14.34 -25.96 -10.60
N VAL A 47 -14.50 -25.17 -11.66
CA VAL A 47 -14.82 -23.75 -11.50
C VAL A 47 -16.33 -23.57 -11.30
N LEU A 48 -16.70 -22.90 -10.22
CA LEU A 48 -18.10 -22.56 -9.96
C LEU A 48 -18.40 -21.16 -10.48
N THR A 49 -19.30 -21.07 -11.46
CA THR A 49 -19.73 -19.78 -11.98
C THR A 49 -20.90 -19.29 -11.13
N VAL A 50 -20.73 -18.11 -10.53
CA VAL A 50 -21.77 -17.46 -9.74
C VAL A 50 -22.18 -16.20 -10.50
N VAL A 51 -23.43 -16.16 -10.95
CA VAL A 51 -23.92 -15.11 -11.83
C VAL A 51 -24.94 -14.27 -11.09
N LEU A 52 -24.72 -12.95 -11.07
CA LEU A 52 -25.68 -11.99 -10.54
C LEU A 52 -26.61 -11.61 -11.68
N ASP A 53 -27.86 -12.05 -11.61
CA ASP A 53 -28.82 -11.85 -12.68
C ASP A 53 -30.13 -11.36 -12.06
N SER A 54 -30.49 -10.12 -12.33
CA SER A 54 -31.65 -9.47 -11.74
C SER A 54 -31.95 -8.20 -12.54
N PRO A 55 -33.20 -7.71 -12.48
CA PRO A 55 -33.56 -6.53 -13.28
C PRO A 55 -32.79 -5.29 -12.88
N GLY A 56 -32.60 -4.40 -13.84
CA GLY A 56 -32.00 -3.10 -13.57
C GLY A 56 -30.49 -3.12 -13.49
N LEU A 57 -29.85 -3.74 -14.49
CA LEU A 57 -28.40 -3.93 -14.51
C LEU A 57 -27.92 -4.70 -13.29
N ASN A 58 -28.59 -5.82 -13.02
CA ASN A 58 -28.25 -6.73 -11.92
C ASN A 58 -28.20 -5.97 -10.59
N SER A 59 -29.32 -5.32 -10.27
CA SER A 59 -29.42 -4.59 -9.01
C SER A 59 -29.63 -5.55 -7.85
N VAL A 60 -28.99 -5.23 -6.73
CA VAL A 60 -28.98 -6.09 -5.56
C VAL A 60 -30.22 -5.81 -4.73
N GLY A 61 -31.17 -6.74 -4.74
CA GLY A 61 -32.37 -6.63 -3.93
C GLY A 61 -32.15 -7.09 -2.52
N PRO A 62 -33.23 -7.11 -1.74
CA PRO A 62 -33.13 -7.61 -0.36
C PRO A 62 -32.63 -9.04 -0.28
N GLN A 63 -33.07 -9.90 -1.19
CA GLN A 63 -32.67 -11.30 -1.14
C GLN A 63 -31.23 -11.48 -1.61
N MET A 64 -30.86 -10.84 -2.73
CA MET A 64 -29.50 -10.98 -3.24
C MET A 64 -28.46 -10.35 -2.33
N HIS A 65 -28.86 -9.39 -1.49
CA HIS A 65 -27.93 -8.85 -0.51
C HIS A 65 -27.57 -9.91 0.51
N ARG A 66 -28.56 -10.73 0.92
CA ARG A 66 -28.28 -11.81 1.86
C ARG A 66 -27.56 -12.96 1.17
N ASP A 67 -27.98 -13.33 -0.04
CA ASP A 67 -27.36 -14.44 -0.75
C ASP A 67 -25.87 -14.18 -0.97
N LEU A 68 -25.53 -13.00 -1.49
CA LEU A 68 -24.12 -12.66 -1.68
C LEU A 68 -23.33 -12.75 -0.38
N ALA A 69 -23.95 -12.37 0.74
CA ALA A 69 -23.22 -12.38 2.01
C ALA A 69 -22.98 -13.81 2.51
N ASP A 70 -23.98 -14.67 2.38
CA ASP A 70 -23.98 -15.95 3.08
C ASP A 70 -23.51 -17.13 2.23
N ILE A 71 -23.22 -16.91 0.94
CA ILE A 71 -22.87 -18.03 0.08
C ILE A 71 -21.44 -18.51 0.31
N TRP A 72 -20.53 -17.63 0.74
CA TRP A 72 -19.12 -17.94 0.70
C TRP A 72 -18.72 -19.05 1.66
N PRO A 73 -19.23 -19.09 2.90
CA PRO A 73 -18.90 -20.25 3.76
C PRO A 73 -19.31 -21.59 3.17
N VAL A 74 -20.40 -21.62 2.38
CA VAL A 74 -20.83 -22.88 1.78
C VAL A 74 -19.92 -23.29 0.64
N ILE A 75 -19.53 -22.34 -0.21
CA ILE A 75 -18.59 -22.64 -1.28
C ILE A 75 -17.28 -23.17 -0.72
N ASP A 76 -16.79 -22.56 0.37
CA ASP A 76 -15.50 -22.96 0.90
C ASP A 76 -15.55 -24.36 1.51
N ARG A 77 -16.73 -24.78 1.98
CA ARG A 77 -16.92 -26.13 2.52
C ARG A 77 -17.28 -27.13 1.44
N ASP A 78 -17.27 -26.73 0.18
CA ASP A 78 -17.70 -27.59 -0.91
C ASP A 78 -16.51 -28.39 -1.43
N PRO A 79 -16.49 -29.72 -1.28
CA PRO A 79 -15.37 -30.50 -1.83
C PRO A 79 -15.26 -30.46 -3.34
N ALA A 80 -16.36 -30.21 -4.05
CA ALA A 80 -16.32 -30.22 -5.51
C ALA A 80 -15.80 -28.93 -6.11
N VAL A 81 -15.76 -27.84 -5.35
CA VAL A 81 -15.41 -26.53 -5.87
C VAL A 81 -13.94 -26.24 -5.56
N ARG A 82 -13.17 -25.94 -6.61
CA ARG A 82 -11.77 -25.56 -6.48
C ARG A 82 -11.51 -24.11 -6.81
N ALA A 83 -12.45 -23.43 -7.46
CA ALA A 83 -12.33 -22.02 -7.82
C ALA A 83 -13.72 -21.46 -8.08
N VAL A 84 -13.82 -20.12 -8.05
CA VAL A 84 -15.08 -19.42 -8.23
C VAL A 84 -14.89 -18.33 -9.28
N LEU A 85 -15.83 -18.24 -10.24
CA LEU A 85 -15.85 -17.17 -11.23
C LEU A 85 -17.15 -16.39 -11.07
N VAL A 86 -17.05 -15.12 -10.64
CA VAL A 86 -18.21 -14.26 -10.41
C VAL A 86 -18.34 -13.27 -11.55
N ARG A 87 -19.56 -13.08 -12.02
CA ARG A 87 -19.82 -12.14 -13.11
C ARG A 87 -21.27 -11.70 -13.01
N GLY A 88 -21.58 -10.65 -13.76
CA GLY A 88 -22.95 -10.20 -13.93
C GLY A 88 -23.49 -10.66 -15.27
N GLU A 89 -24.80 -10.89 -15.32
CA GLU A 89 -25.45 -11.29 -16.55
C GLU A 89 -25.59 -10.09 -17.48
N GLY A 90 -25.25 -10.29 -18.74
CA GLY A 90 -25.34 -9.21 -19.72
C GLY A 90 -24.09 -8.34 -19.73
N LYS A 91 -24.30 -7.07 -20.05
CA LYS A 91 -23.22 -6.09 -20.16
C LYS A 91 -23.06 -5.25 -18.90
N ALA A 92 -23.15 -5.87 -17.71
CA ALA A 92 -23.03 -5.15 -16.46
C ALA A 92 -22.72 -6.14 -15.32
N PHE A 93 -21.82 -5.75 -14.43
CA PHE A 93 -21.59 -6.59 -13.25
C PHE A 93 -22.75 -6.47 -12.28
N SER A 94 -22.87 -5.33 -11.61
CA SER A 94 -24.03 -5.06 -10.76
C SER A 94 -24.13 -3.56 -10.51
N SER A 95 -25.34 -3.04 -10.59
CA SER A 95 -25.60 -1.63 -10.39
C SER A 95 -25.78 -1.25 -8.92
N GLY A 96 -25.59 -2.20 -7.99
CA GLY A 96 -25.64 -1.90 -6.57
C GLY A 96 -27.00 -2.16 -5.95
N GLY A 97 -27.15 -1.64 -4.72
CA GLY A 97 -28.35 -1.89 -3.96
C GLY A 97 -29.59 -1.27 -4.62
N SER A 98 -30.68 -2.03 -4.57
CA SER A 98 -31.94 -1.60 -5.18
C SER A 98 -32.59 -0.51 -4.33
N PHE A 99 -33.60 0.13 -4.92
CA PHE A 99 -34.32 1.18 -4.21
C PHE A 99 -35.08 0.65 -2.99
N ASP A 100 -35.61 -0.58 -3.09
CA ASP A 100 -36.27 -1.18 -1.94
C ASP A 100 -35.28 -1.52 -0.83
N LEU A 101 -34.06 -1.90 -1.20
CA LEU A 101 -33.05 -2.16 -0.18
C LEU A 101 -32.68 -0.88 0.56
N ILE A 102 -32.52 0.23 -0.18
CA ILE A 102 -32.22 1.51 0.45
C ILE A 102 -33.43 2.00 1.25
N ASP A 103 -34.65 1.77 0.74
CA ASP A 103 -35.85 2.17 1.47
C ASP A 103 -35.96 1.48 2.82
N GLU A 104 -35.70 0.17 2.86
CA GLU A 104 -35.80 -0.56 4.12
C GLU A 104 -34.74 -0.11 5.12
N THR A 105 -33.52 0.14 4.65
CA THR A 105 -32.48 0.66 5.55
C THR A 105 -32.91 1.97 6.18
N ILE A 106 -33.51 2.87 5.39
CA ILE A 106 -33.89 4.18 5.93
C ILE A 106 -35.06 4.06 6.90
N GLY A 107 -35.98 3.14 6.65
CA GLY A 107 -37.27 3.19 7.32
C GLY A 107 -37.49 2.31 8.53
N ASP A 108 -36.72 1.23 8.66
CA ASP A 108 -37.00 0.22 9.68
C ASP A 108 -35.71 -0.13 10.42
N TYR A 109 -35.74 -0.04 11.76
CA TYR A 109 -34.55 -0.35 12.56
C TYR A 109 -34.18 -1.82 12.44
N GLN A 110 -35.14 -2.73 12.61
CA GLN A 110 -34.83 -4.16 12.57
C GLN A 110 -34.37 -4.59 11.18
N GLY A 111 -34.96 -4.01 10.13
CA GLY A 111 -34.48 -4.29 8.79
C GLY A 111 -33.09 -3.72 8.56
N ARG A 112 -32.82 -2.54 9.12
CA ARG A 112 -31.50 -1.92 8.97
C ARG A 112 -30.42 -2.76 9.63
N VAL A 113 -30.71 -3.34 10.80
CA VAL A 113 -29.74 -4.19 11.47
C VAL A 113 -29.49 -5.45 10.65
N ARG A 114 -30.54 -6.01 10.05
CA ARG A 114 -30.36 -7.21 9.25
C ARG A 114 -29.49 -6.92 8.03
N ILE A 115 -29.81 -5.83 7.31
CA ILE A 115 -29.02 -5.45 6.14
C ILE A 115 -27.58 -5.12 6.54
N MET A 116 -27.41 -4.46 7.68
CA MET A 116 -26.07 -4.09 8.16
C MET A 116 -25.23 -5.33 8.47
N ARG A 117 -25.85 -6.34 9.08
CA ARG A 117 -25.17 -7.59 9.36
C ARG A 117 -24.74 -8.26 8.08
N GLU A 118 -25.56 -8.17 7.04
CA GLU A 118 -25.22 -8.80 5.77
C GLU A 118 -24.06 -8.09 5.10
N ALA A 119 -24.07 -6.75 5.13
CA ALA A 119 -22.97 -5.98 4.54
C ALA A 119 -21.66 -6.29 5.23
N ARG A 120 -21.69 -6.39 6.56
CA ARG A 120 -20.50 -6.78 7.31
C ARG A 120 -20.07 -8.19 6.93
N ASP A 121 -21.01 -9.14 6.91
CA ASP A 121 -20.65 -10.53 6.66
C ASP A 121 -20.25 -10.80 5.22
N LEU A 122 -20.66 -9.95 4.27
CA LEU A 122 -20.20 -10.12 2.90
C LEU A 122 -18.68 -9.97 2.82
N VAL A 123 -18.16 -8.86 3.33
CA VAL A 123 -16.72 -8.62 3.33
C VAL A 123 -16.00 -9.70 4.13
N HIS A 124 -16.46 -9.95 5.35
CA HIS A 124 -15.78 -10.89 6.23
CA HIS A 124 -15.71 -10.87 6.18
C HIS A 124 -15.76 -12.28 5.61
N ASN A 125 -16.86 -12.69 4.98
CA ASN A 125 -16.93 -14.04 4.44
C ASN A 125 -16.13 -14.20 3.16
N MET A 126 -16.12 -13.19 2.29
CA MET A 126 -15.27 -13.28 1.11
C MET A 126 -13.80 -13.36 1.54
N ILE A 127 -13.41 -12.57 2.55
CA ILE A 127 -12.02 -12.59 3.02
C ILE A 127 -11.68 -13.92 3.66
N ASN A 128 -12.61 -14.52 4.41
CA ASN A 128 -12.34 -15.76 5.12
C ASN A 128 -12.63 -17.00 4.27
N CYS A 129 -12.89 -16.81 2.98
CA CYS A 129 -13.08 -17.92 2.05
C CYS A 129 -11.72 -18.27 1.46
N ASP A 130 -11.20 -19.46 1.79
CA ASP A 130 -9.91 -19.87 1.26
C ASP A 130 -9.97 -20.19 -0.24
N THR A 131 -11.15 -20.52 -0.76
CA THR A 131 -11.27 -20.91 -2.17
C THR A 131 -11.01 -19.72 -3.09
N PRO A 132 -10.23 -19.89 -4.15
CA PRO A 132 -9.92 -18.76 -5.05
C PRO A 132 -11.15 -18.23 -5.77
N VAL A 133 -11.24 -16.91 -5.90
CA VAL A 133 -12.36 -16.23 -6.53
C VAL A 133 -11.82 -15.30 -7.62
N VAL A 134 -12.42 -15.37 -8.82
CA VAL A 134 -12.08 -14.51 -9.94
C VAL A 134 -13.33 -13.77 -10.37
N SER A 135 -13.22 -12.45 -10.57
CA SER A 135 -14.34 -11.62 -10.97
C SER A 135 -14.15 -11.16 -12.43
N ALA A 136 -15.26 -11.11 -13.16
CA ALA A 136 -15.28 -10.64 -14.54
C ALA A 136 -16.11 -9.36 -14.58
N ILE A 137 -15.44 -8.23 -14.55
CA ILE A 137 -16.08 -6.92 -14.43
C ILE A 137 -16.20 -6.31 -15.83
N ARG A 138 -17.37 -6.47 -16.45
CA ARG A 138 -17.71 -5.77 -17.68
C ARG A 138 -18.88 -4.84 -17.38
N GLY A 139 -18.70 -3.55 -17.65
CA GLY A 139 -19.79 -2.62 -17.41
C GLY A 139 -19.74 -2.11 -16.00
N PRO A 140 -20.86 -1.56 -15.53
CA PRO A 140 -20.85 -0.94 -14.20
C PRO A 140 -20.75 -1.96 -13.07
N ALA A 141 -20.00 -1.58 -12.03
CA ALA A 141 -19.96 -2.32 -10.76
C ALA A 141 -20.11 -1.29 -9.64
N VAL A 142 -21.20 -1.36 -8.90
CA VAL A 142 -21.55 -0.34 -7.92
C VAL A 142 -21.88 -1.00 -6.60
N GLY A 143 -21.51 -0.32 -5.50
CA GLY A 143 -21.88 -0.70 -4.16
C GLY A 143 -21.67 -2.16 -3.83
N ALA A 144 -22.76 -2.86 -3.46
CA ALA A 144 -22.67 -4.26 -3.06
C ALA A 144 -22.10 -5.14 -4.18
N GLY A 145 -22.28 -4.73 -5.44
CA GLY A 145 -21.66 -5.47 -6.52
C GLY A 145 -20.16 -5.22 -6.62
N LEU A 146 -19.75 -3.95 -6.46
CA LEU A 146 -18.33 -3.62 -6.48
C LEU A 146 -17.59 -4.30 -5.33
N VAL A 147 -18.29 -4.55 -4.22
CA VAL A 147 -17.69 -5.29 -3.10
C VAL A 147 -17.25 -6.67 -3.55
N VAL A 148 -18.12 -7.39 -4.24
CA VAL A 148 -17.78 -8.72 -4.75
C VAL A 148 -16.73 -8.61 -5.84
N ALA A 149 -16.84 -7.58 -6.69
CA ALA A 149 -15.92 -7.45 -7.82
C ALA A 149 -14.48 -7.21 -7.35
N LEU A 150 -14.28 -6.38 -6.33
CA LEU A 150 -12.93 -6.00 -5.93
C LEU A 150 -12.36 -6.87 -4.82
N LEU A 151 -13.21 -7.49 -4.00
CA LEU A 151 -12.69 -8.39 -2.97
C LEU A 151 -12.37 -9.77 -3.51
N ALA A 152 -12.71 -10.04 -4.77
CA ALA A 152 -12.26 -11.26 -5.41
C ALA A 152 -10.73 -11.26 -5.47
N ASP A 153 -10.15 -12.46 -5.54
CA ASP A 153 -8.71 -12.58 -5.53
C ASP A 153 -8.08 -11.95 -6.77
N ILE A 154 -8.58 -12.33 -7.95
CA ILE A 154 -8.12 -11.78 -9.21
C ILE A 154 -9.32 -11.14 -9.89
N SER A 155 -9.18 -9.86 -10.25
CA SER A 155 -10.24 -9.10 -10.87
C SER A 155 -9.83 -8.73 -12.30
N VAL A 156 -10.71 -9.05 -13.25
CA VAL A 156 -10.52 -8.73 -14.66
C VAL A 156 -11.54 -7.67 -15.04
N ALA A 157 -11.07 -6.47 -15.38
CA ALA A 157 -11.95 -5.36 -15.71
C ALA A 157 -11.82 -4.98 -17.18
N GLY A 158 -12.96 -4.71 -17.80
CA GLY A 158 -12.95 -4.19 -19.16
C GLY A 158 -12.50 -2.75 -19.23
N ARG A 159 -12.05 -2.35 -20.42
CA ARG A 159 -11.50 -1.01 -20.60
C ARG A 159 -12.50 0.07 -20.22
N THR A 160 -13.77 -0.09 -20.64
CA THR A 160 -14.79 0.92 -20.42
C THR A 160 -15.70 0.58 -19.25
N ALA A 161 -15.29 -0.35 -18.38
CA ALA A 161 -16.13 -0.73 -17.26
C ALA A 161 -16.14 0.36 -16.20
N LYS A 162 -17.33 0.83 -15.85
CA LYS A 162 -17.47 1.89 -14.85
C LYS A 162 -17.43 1.29 -13.44
N LEU A 163 -16.44 1.70 -12.64
CA LEU A 163 -16.28 1.27 -11.24
C LEU A 163 -16.56 2.47 -10.34
N ILE A 164 -17.68 2.41 -9.60
CA ILE A 164 -18.15 3.53 -8.77
C ILE A 164 -18.56 3.00 -7.39
N ASP A 165 -17.85 3.43 -6.35
CA ASP A 165 -18.30 3.14 -4.98
C ASP A 165 -19.65 3.79 -4.70
N GLY A 166 -19.75 5.10 -4.92
CA GLY A 166 -21.03 5.79 -5.04
C GLY A 166 -21.68 6.25 -3.76
N HIS A 167 -21.08 5.99 -2.59
CA HIS A 167 -21.77 6.25 -1.34
C HIS A 167 -21.93 7.75 -1.08
N THR A 168 -20.84 8.51 -1.17
CA THR A 168 -20.95 9.92 -0.83
C THR A 168 -21.85 10.68 -1.79
N LYS A 169 -21.94 10.23 -3.05
CA LYS A 169 -22.91 10.83 -3.97
C LYS A 169 -24.34 10.50 -3.57
N LEU A 170 -24.54 9.33 -2.93
CA LEU A 170 -25.85 8.95 -2.41
C LEU A 170 -26.15 9.66 -1.10
N GLY A 171 -25.13 10.03 -0.35
CA GLY A 171 -25.29 10.71 0.91
C GLY A 171 -25.01 9.91 2.16
N VAL A 172 -24.22 8.84 2.06
CA VAL A 172 -23.85 8.02 3.20
C VAL A 172 -22.36 7.71 3.12
N ALA A 173 -21.80 7.34 4.27
CA ALA A 173 -20.39 7.02 4.35
C ALA A 173 -20.10 5.73 3.59
N ALA A 174 -18.89 5.64 3.02
CA ALA A 174 -18.54 4.50 2.17
C ALA A 174 -18.11 3.35 3.07
N GLY A 175 -19.11 2.59 3.54
CA GLY A 175 -18.85 1.56 4.52
C GLY A 175 -19.24 0.14 4.14
N ASP A 176 -19.17 -0.25 2.86
CA ASP A 176 -19.50 -1.62 2.49
C ASP A 176 -18.29 -2.47 2.09
N HIS A 177 -17.11 -1.89 1.93
CA HIS A 177 -15.87 -2.62 1.68
C HIS A 177 -14.63 -1.72 1.63
N ALA A 178 -14.79 -0.51 1.07
CA ALA A 178 -13.64 0.28 0.62
C ALA A 178 -12.67 0.60 1.75
N ALA A 179 -13.16 0.76 2.98
CA ALA A 179 -12.26 1.11 4.08
C ALA A 179 -11.38 -0.06 4.52
N ILE A 180 -11.61 -1.28 4.03
CA ILE A 180 -10.77 -2.42 4.41
C ILE A 180 -9.70 -2.71 3.38
N CYS A 181 -9.77 -2.14 2.18
CA CYS A 181 -8.87 -2.57 1.12
C CYS A 181 -8.30 -1.44 0.27
N TRP A 182 -9.10 -0.42 -0.06
CA TRP A 182 -8.69 0.56 -1.08
C TRP A 182 -7.33 1.21 -0.86
N PRO A 183 -6.93 1.65 0.34
CA PRO A 183 -5.55 2.15 0.50
C PRO A 183 -4.50 1.13 0.12
N LEU A 184 -4.73 -0.15 0.41
CA LEU A 184 -3.80 -1.21 0.08
C LEU A 184 -3.91 -1.67 -1.36
N LEU A 185 -4.80 -1.06 -2.15
CA LEU A 185 -4.88 -1.33 -3.58
C LEU A 185 -4.30 -0.19 -4.40
N VAL A 186 -4.69 1.04 -4.11
CA VAL A 186 -4.31 2.19 -4.92
C VAL A 186 -3.49 3.23 -4.16
N GLY A 187 -3.29 3.06 -2.87
CA GLY A 187 -2.65 4.15 -2.15
C GLY A 187 -3.67 5.13 -1.62
N MET A 188 -3.29 5.82 -0.54
CA MET A 188 -4.27 6.66 0.13
C MET A 188 -4.70 7.85 -0.72
N ALA A 189 -3.80 8.38 -1.55
CA ALA A 189 -4.13 9.57 -2.34
C ALA A 189 -5.20 9.26 -3.38
N LYS A 190 -5.09 8.10 -4.06
CA LYS A 190 -6.12 7.74 -5.02
C LYS A 190 -7.38 7.26 -4.30
N ALA A 191 -7.22 6.55 -3.18
CA ALA A 191 -8.37 6.06 -2.44
C ALA A 191 -9.28 7.22 -2.00
N LYS A 192 -8.69 8.23 -1.36
CA LYS A 192 -9.46 9.36 -0.88
C LYS A 192 -10.09 10.11 -2.04
N TYR A 193 -9.40 10.20 -3.16
CA TYR A 193 -9.93 10.96 -4.29
C TYR A 193 -11.21 10.33 -4.83
N TYR A 194 -11.17 9.04 -5.15
CA TYR A 194 -12.34 8.42 -5.75
C TYR A 194 -13.44 8.15 -4.72
N LEU A 195 -13.09 7.88 -3.45
CA LEU A 195 -14.14 7.57 -2.48
C LEU A 195 -14.86 8.82 -1.98
N LEU A 196 -14.16 9.93 -1.84
CA LEU A 196 -14.81 11.14 -1.36
C LEU A 196 -15.59 11.87 -2.44
N THR A 197 -15.11 11.82 -3.69
CA THR A 197 -15.71 12.56 -4.80
C THR A 197 -16.56 11.69 -5.72
N CYS A 198 -16.36 10.38 -5.70
CA CYS A 198 -17.10 9.43 -6.54
C CYS A 198 -16.98 9.71 -8.03
N GLU A 199 -15.91 10.38 -8.45
CA GLU A 199 -15.62 10.48 -9.87
C GLU A 199 -15.47 9.09 -10.45
N THR A 200 -16.06 8.88 -11.62
CA THR A 200 -16.08 7.56 -12.22
C THR A 200 -14.67 7.10 -12.56
N LEU A 201 -14.36 5.87 -12.17
CA LEU A 201 -13.08 5.24 -12.47
C LEU A 201 -13.30 4.17 -13.53
N LEU A 202 -12.77 4.41 -14.73
CA LEU A 202 -12.90 3.41 -15.78
C LEU A 202 -11.90 2.28 -15.57
N GLY A 203 -12.18 1.14 -16.22
CA GLY A 203 -11.41 -0.06 -15.95
C GLY A 203 -9.96 0.06 -16.32
N GLU A 204 -9.66 0.72 -17.44
CA GLU A 204 -8.28 0.86 -17.88
C GLU A 204 -7.46 1.65 -16.87
N GLU A 205 -8.02 2.74 -16.33
CA GLU A 205 -7.31 3.52 -15.32
C GLU A 205 -7.28 2.80 -13.98
N ALA A 206 -8.29 1.97 -13.69
CA ALA A 206 -8.30 1.23 -12.44
C ALA A 206 -7.12 0.26 -12.35
N GLU A 207 -6.77 -0.38 -13.47
CA GLU A 207 -5.63 -1.29 -13.46
C GLU A 207 -4.32 -0.51 -13.27
N ARG A 208 -4.24 0.68 -13.87
CA ARG A 208 -3.02 1.48 -13.81
C ARG A 208 -2.70 1.89 -12.37
N ILE A 209 -3.72 2.28 -11.60
CA ILE A 209 -3.50 2.69 -10.21
C ILE A 209 -3.46 1.50 -9.29
N GLY A 210 -3.81 0.32 -9.78
CA GLY A 210 -3.67 -0.90 -9.01
C GLY A 210 -4.92 -1.40 -8.35
N LEU A 211 -6.09 -0.93 -8.76
CA LEU A 211 -7.32 -1.38 -8.12
C LEU A 211 -7.74 -2.76 -8.59
N VAL A 212 -7.48 -3.13 -9.85
CA VAL A 212 -7.84 -4.44 -10.36
C VAL A 212 -6.58 -5.14 -10.90
N SER A 213 -6.69 -6.46 -11.02
CA SER A 213 -5.52 -7.27 -11.41
C SER A 213 -5.16 -7.10 -12.87
N LEU A 214 -6.17 -7.14 -13.76
CA LEU A 214 -5.93 -7.12 -15.20
C LEU A 214 -6.97 -6.24 -15.87
N CYS A 215 -6.59 -5.70 -17.02
CA CYS A 215 -7.53 -4.96 -17.87
C CYS A 215 -7.37 -5.45 -19.30
N VAL A 216 -8.47 -5.93 -19.89
CA VAL A 216 -8.48 -6.40 -21.27
C VAL A 216 -9.61 -5.72 -22.02
N ASP A 217 -9.63 -5.90 -23.33
CA ASP A 217 -10.70 -5.38 -24.16
C ASP A 217 -12.04 -5.92 -23.63
N ASP A 218 -13.10 -5.11 -23.80
CA ASP A 218 -14.38 -5.43 -23.18
C ASP A 218 -14.87 -6.81 -23.56
N ASP A 219 -14.73 -7.19 -24.85
CA ASP A 219 -15.17 -8.51 -25.28
C ASP A 219 -14.33 -9.65 -24.73
N ASP A 220 -13.20 -9.37 -24.08
CA ASP A 220 -12.31 -10.41 -23.60
C ASP A 220 -12.32 -10.55 -22.09
N VAL A 221 -13.23 -9.86 -21.39
CA VAL A 221 -13.21 -9.84 -19.94
C VAL A 221 -13.62 -11.20 -19.37
N LEU A 222 -14.71 -11.76 -19.87
CA LEU A 222 -15.19 -13.02 -19.32
C LEU A 222 -14.31 -14.19 -19.76
N SER A 223 -13.89 -14.20 -21.02
CA SER A 223 -12.99 -15.27 -21.47
C SER A 223 -11.67 -15.24 -20.71
N THR A 224 -11.12 -14.04 -20.47
CA THR A 224 -9.87 -13.94 -19.73
C THR A 224 -10.05 -14.41 -18.29
N ALA A 225 -11.12 -13.95 -17.64
CA ALA A 225 -11.39 -14.38 -16.28
C ALA A 225 -11.67 -15.89 -16.23
N ALA A 226 -12.46 -16.41 -17.17
CA ALA A 226 -12.75 -17.84 -17.16
C ALA A 226 -11.47 -18.66 -17.26
N GLY A 227 -10.53 -18.21 -18.09
CA GLY A 227 -9.28 -18.92 -18.24
C GLY A 227 -8.45 -18.90 -16.96
N ILE A 228 -8.42 -17.76 -16.27
CA ILE A 228 -7.68 -17.67 -15.01
C ILE A 228 -8.28 -18.62 -13.98
N ALA A 229 -9.61 -18.57 -13.83
CA ALA A 229 -10.28 -19.43 -12.86
C ALA A 229 -10.08 -20.91 -13.19
N GLY A 230 -10.02 -21.25 -14.48
CA GLY A 230 -9.79 -22.63 -14.85
C GLY A 230 -8.45 -23.16 -14.37
N LYS A 231 -7.38 -22.40 -14.62
CA LYS A 231 -6.05 -22.83 -14.22
C LYS A 231 -5.89 -22.88 -12.70
N LEU A 232 -6.63 -22.05 -11.96
CA LEU A 232 -6.56 -22.12 -10.51
C LEU A 232 -7.20 -23.39 -9.97
N ALA A 233 -8.28 -23.84 -10.59
CA ALA A 233 -8.91 -25.08 -10.17
C ALA A 233 -8.08 -26.31 -10.53
N GLN A 234 -7.14 -26.17 -11.47
CA GLN A 234 -6.29 -27.28 -11.88
C GLN A 234 -4.90 -27.21 -11.27
N GLY A 235 -4.66 -26.27 -10.36
CA GLY A 235 -3.36 -26.10 -9.75
C GLY A 235 -3.24 -26.79 -8.40
N ALA A 236 -2.17 -26.44 -7.67
CA ALA A 236 -1.91 -26.99 -6.36
C ALA A 236 -2.85 -26.33 -5.35
N GLN A 237 -3.81 -27.09 -4.83
CA GLN A 237 -4.90 -26.47 -4.07
C GLN A 237 -4.42 -25.92 -2.74
N HIS A 238 -3.70 -26.73 -1.95
CA HIS A 238 -3.19 -26.24 -0.68
C HIS A 238 -2.20 -25.08 -0.87
N ALA A 239 -1.43 -25.10 -1.95
CA ALA A 239 -0.51 -23.99 -2.20
C ALA A 239 -1.28 -22.71 -2.51
N ILE A 240 -2.26 -22.79 -3.41
CA ILE A 240 -3.00 -21.60 -3.81
C ILE A 240 -3.82 -21.06 -2.64
N GLN A 241 -4.50 -21.95 -1.90
CA GLN A 241 -5.40 -21.48 -0.85
C GLN A 241 -4.65 -20.93 0.34
N TRP A 242 -3.56 -21.57 0.75
CA TRP A 242 -2.84 -21.08 1.92
C TRP A 242 -2.08 -19.79 1.62
N THR A 243 -1.57 -19.62 0.40
CA THR A 243 -0.99 -18.35 0.01
C THR A 243 -2.04 -17.25 0.02
N LYS A 244 -3.24 -17.54 -0.48
CA LYS A 244 -4.32 -16.57 -0.46
C LYS A 244 -4.72 -16.22 0.97
N ARG A 245 -4.83 -17.23 1.85
CA ARG A 245 -5.25 -16.97 3.23
C ARG A 245 -4.22 -16.12 3.97
N SER A 246 -2.94 -16.41 3.79
CA SER A 246 -1.92 -15.61 4.45
C SER A 246 -1.99 -14.16 3.99
N LEU A 247 -2.12 -13.95 2.67
CA LEU A 247 -2.25 -12.60 2.14
C LEU A 247 -3.50 -11.90 2.67
N ASN A 248 -4.54 -12.67 2.98
CA ASN A 248 -5.78 -12.08 3.44
C ASN A 248 -5.70 -11.57 4.86
N HIS A 249 -4.64 -11.91 5.60
CA HIS A 249 -4.44 -11.34 6.92
C HIS A 249 -4.30 -9.83 6.84
N TRP A 250 -3.76 -9.33 5.73
CA TRP A 250 -3.65 -7.89 5.54
C TRP A 250 -5.03 -7.22 5.63
N TYR A 251 -6.03 -7.78 4.96
CA TYR A 251 -7.39 -7.25 5.09
C TYR A 251 -7.95 -7.55 6.48
N ARG A 252 -7.78 -8.79 6.96
CA ARG A 252 -8.32 -9.16 8.26
C ARG A 252 -7.83 -8.23 9.36
N MET A 253 -6.56 -7.80 9.28
CA MET A 253 -5.99 -6.89 10.28
CA MET A 253 -6.02 -6.91 10.32
C MET A 253 -6.59 -5.51 10.25
N MET A 254 -7.34 -5.17 9.20
CA MET A 254 -8.05 -3.90 9.09
C MET A 254 -9.54 -4.05 9.41
N GLY A 255 -9.93 -5.16 10.01
CA GLY A 255 -11.29 -5.43 10.41
C GLY A 255 -11.95 -4.32 11.20
N PRO A 256 -11.37 -3.96 12.36
CA PRO A 256 -11.98 -2.89 13.17
C PRO A 256 -12.19 -1.61 12.39
N THR A 257 -11.24 -1.25 11.54
CA THR A 257 -11.41 -0.06 10.71
C THR A 257 -12.59 -0.21 9.76
N PHE A 258 -12.74 -1.39 9.14
CA PHE A 258 -13.87 -1.61 8.25
C PHE A 258 -15.19 -1.53 8.99
N GLU A 259 -15.26 -2.15 10.16
CA GLU A 259 -16.50 -2.13 10.91
C GLU A 259 -16.80 -0.75 11.46
N THR A 260 -15.77 0.07 11.69
CA THR A 260 -16.01 1.47 11.99
C THR A 260 -16.71 2.16 10.84
N SER A 261 -16.26 1.89 9.61
CA SER A 261 -16.90 2.49 8.46
C SER A 261 -18.31 1.91 8.24
N VAL A 262 -18.50 0.63 8.52
CA VAL A 262 -19.84 0.04 8.36
C VAL A 262 -20.82 0.77 9.26
N GLY A 263 -20.46 0.94 10.54
CA GLY A 263 -21.35 1.61 11.48
C GLY A 263 -21.60 3.05 11.11
N LEU A 264 -20.57 3.74 10.62
CA LEU A 264 -20.75 5.12 10.18
C LEU A 264 -21.72 5.21 9.01
N GLU A 265 -21.66 4.27 8.08
CA GLU A 265 -22.59 4.28 6.95
C GLU A 265 -24.04 4.14 7.41
N PHE A 266 -24.30 3.18 8.29
CA PHE A 266 -25.68 2.93 8.67
C PHE A 266 -26.20 3.94 9.68
N LEU A 267 -25.32 4.63 10.41
CA LEU A 267 -25.77 5.80 11.17
C LEU A 267 -26.22 6.92 10.22
N SER A 268 -25.50 7.10 9.12
CA SER A 268 -25.82 8.17 8.18
C SER A 268 -27.10 7.92 7.40
N PHE A 269 -27.55 6.66 7.31
CA PHE A 269 -28.82 6.36 6.66
C PHE A 269 -30.01 6.98 7.39
N SER A 270 -29.85 7.31 8.67
CA SER A 270 -30.89 8.01 9.42
C SER A 270 -30.81 9.53 9.28
N GLY A 271 -29.86 10.03 8.48
CA GLY A 271 -29.67 11.44 8.32
C GLY A 271 -30.48 12.03 7.17
N PRO A 272 -30.45 13.36 7.04
CA PRO A 272 -31.23 14.01 5.98
C PRO A 272 -30.59 13.95 4.60
N ASP A 273 -29.28 13.75 4.50
CA ASP A 273 -28.61 13.75 3.19
C ASP A 273 -29.07 12.59 2.32
N VAL A 274 -29.26 11.40 2.90
CA VAL A 274 -29.58 10.23 2.07
C VAL A 274 -30.96 10.36 1.45
N GLN A 275 -31.93 10.89 2.21
CA GLN A 275 -33.27 11.09 1.67
C GLN A 275 -33.23 12.00 0.45
N GLU A 276 -32.34 12.99 0.46
CA GLU A 276 -32.14 13.80 -0.74
C GLU A 276 -31.38 13.02 -1.81
N GLY A 277 -30.34 12.28 -1.41
CA GLY A 277 -29.58 11.50 -2.38
C GLY A 277 -30.41 10.38 -2.98
N LEU A 278 -31.30 9.79 -2.19
CA LEU A 278 -32.20 8.76 -2.69
C LEU A 278 -33.22 9.34 -3.65
N ALA A 279 -33.81 10.49 -3.28
CA ALA A 279 -34.72 11.17 -4.20
C ALA A 279 -33.99 11.58 -5.47
N ALA A 280 -32.70 11.94 -5.36
CA ALA A 280 -31.93 12.34 -6.53
C ALA A 280 -31.73 11.16 -7.49
N HIS A 281 -31.47 9.97 -6.95
CA HIS A 281 -31.37 8.79 -7.80
C HIS A 281 -32.71 8.44 -8.45
N ARG A 282 -33.81 8.52 -7.68
CA ARG A 282 -35.11 8.19 -8.24
C ARG A 282 -35.57 9.21 -9.28
N GLU A 283 -35.04 10.42 -9.27
CA GLU A 283 -35.39 11.44 -10.24
C GLU A 283 -34.30 11.67 -11.29
N LYS A 284 -33.23 10.85 -11.26
CA LYS A 284 -32.14 10.90 -12.25
C LYS A 284 -31.49 12.28 -12.30
N ARG A 285 -31.13 12.79 -11.11
CA ARG A 285 -30.55 14.11 -10.99
C ARG A 285 -29.42 14.07 -9.97
N ALA A 286 -28.63 15.15 -9.97
CA ALA A 286 -27.57 15.29 -8.99
C ALA A 286 -28.18 15.71 -7.66
N ALA A 287 -27.62 15.19 -6.57
CA ALA A 287 -28.16 15.50 -5.26
C ALA A 287 -27.66 16.87 -4.83
N ARG A 288 -28.58 17.70 -4.35
CA ARG A 288 -28.26 19.03 -3.84
C ARG A 288 -28.36 18.96 -2.32
N PHE A 289 -27.24 18.60 -1.67
CA PHE A 289 -27.22 18.41 -0.24
C PHE A 289 -27.14 19.75 0.48
N THR A 290 -27.70 19.80 1.68
CA THR A 290 -27.65 21.03 2.50
C THR A 290 -27.09 20.73 3.90
N PRO B 24 -29.65 24.15 23.47
CA PRO B 24 -28.42 24.83 23.03
C PRO B 24 -27.20 24.47 23.87
N VAL B 25 -26.27 23.72 23.28
CA VAL B 25 -24.95 23.50 23.88
C VAL B 25 -24.04 24.64 23.44
N SER B 26 -23.55 25.41 24.40
CA SER B 26 -22.78 26.62 24.08
C SER B 26 -21.33 26.26 23.76
N HIS B 27 -20.87 26.64 22.56
CA HIS B 27 -19.51 26.39 22.10
C HIS B 27 -18.84 27.71 21.72
N PRO B 28 -17.56 27.89 22.07
CA PRO B 28 -16.94 29.20 21.87
C PRO B 28 -16.76 29.53 20.40
N PRO B 29 -16.80 30.80 20.02
CA PRO B 29 -16.64 31.18 18.62
C PRO B 29 -15.20 31.05 18.13
N VAL B 30 -15.07 31.06 16.80
CA VAL B 30 -13.82 30.79 16.11
C VAL B 30 -13.43 32.02 15.29
N ASP B 31 -12.20 32.51 15.49
CA ASP B 31 -11.58 33.46 14.59
C ASP B 31 -10.09 33.16 14.48
N TYR B 32 -9.55 33.31 13.28
CA TYR B 32 -8.20 32.86 12.97
C TYR B 32 -7.15 33.92 13.20
N HIS B 33 -7.42 34.89 14.06
CA HIS B 33 -6.41 35.87 14.41
CA HIS B 33 -6.40 35.87 14.40
C HIS B 33 -5.29 35.24 15.25
N ASP B 34 -5.53 34.05 15.80
CA ASP B 34 -4.55 33.34 16.60
C ASP B 34 -3.48 32.66 15.76
N PHE B 35 -3.56 32.75 14.44
CA PHE B 35 -2.61 32.14 13.52
C PHE B 35 -2.09 33.24 12.61
N PRO B 36 -1.19 34.08 13.12
CA PRO B 36 -0.84 35.31 12.39
C PRO B 36 -0.03 35.08 11.13
N SER B 37 0.67 33.95 11.00
CA SER B 37 1.48 33.69 9.83
C SER B 37 0.67 33.14 8.65
N LEU B 38 -0.58 32.76 8.89
CA LEU B 38 -1.41 32.13 7.87
C LEU B 38 -2.56 33.08 7.48
N ARG B 39 -2.72 33.30 6.18
CA ARG B 39 -3.84 34.05 5.67
C ARG B 39 -4.97 33.07 5.41
N CYS B 40 -6.15 33.37 5.96
CA CYS B 40 -7.30 32.46 5.91
C CYS B 40 -8.47 33.22 5.32
N GLU B 41 -9.01 32.71 4.22
CA GLU B 41 -10.12 33.34 3.53
C GLU B 41 -11.28 32.36 3.45
N LEU B 42 -12.43 32.75 3.96
CA LEU B 42 -13.63 31.93 3.92
C LEU B 42 -14.48 32.42 2.76
N GLY B 43 -14.80 31.52 1.84
CA GLY B 43 -15.58 31.91 0.67
C GLY B 43 -17.06 31.68 0.88
N ASP B 44 -17.84 32.14 -0.10
CA ASP B 44 -19.29 31.96 -0.01
C ASP B 44 -19.67 30.48 -0.04
N ASP B 45 -18.85 29.63 -0.67
CA ASP B 45 -19.14 28.20 -0.77
C ASP B 45 -18.86 27.43 0.53
N GLY B 46 -18.18 28.04 1.50
CA GLY B 46 -17.78 27.31 2.68
C GLY B 46 -16.36 26.80 2.65
N VAL B 47 -15.61 27.06 1.59
CA VAL B 47 -14.22 26.62 1.50
C VAL B 47 -13.34 27.64 2.21
N LEU B 48 -12.51 27.17 3.13
CA LEU B 48 -11.51 28.01 3.78
C LEU B 48 -10.17 27.85 3.06
N THR B 49 -9.71 28.92 2.43
CA THR B 49 -8.42 28.92 1.74
C THR B 49 -7.34 29.32 2.74
N VAL B 50 -6.34 28.46 2.91
CA VAL B 50 -5.23 28.72 3.82
C VAL B 50 -3.98 28.92 2.98
N VAL B 51 -3.38 30.11 3.05
CA VAL B 51 -2.29 30.51 2.17
C VAL B 51 -1.02 30.60 2.99
N LEU B 52 0.02 29.91 2.55
CA LEU B 52 1.36 30.04 3.13
C LEU B 52 2.10 31.13 2.38
N ASP B 53 2.33 32.26 3.04
CA ASP B 53 2.98 33.42 2.41
C ASP B 53 4.06 33.94 3.36
N SER B 54 5.32 33.81 2.95
CA SER B 54 6.45 34.18 3.77
C SER B 54 7.69 34.25 2.88
N PRO B 55 8.74 34.97 3.32
CA PRO B 55 9.92 35.13 2.47
C PRO B 55 10.61 33.80 2.17
N GLY B 56 11.28 33.75 1.03
CA GLY B 56 12.09 32.60 0.70
C GLY B 56 11.31 31.41 0.19
N LEU B 57 10.40 31.66 -0.76
CA LEU B 57 9.49 30.62 -1.29
C LEU B 57 8.64 30.01 -0.19
N ASN B 58 7.99 30.87 0.61
CA ASN B 58 7.07 30.46 1.67
C ASN B 58 7.75 29.50 2.63
N SER B 59 8.88 29.94 3.19
CA SER B 59 9.58 29.13 4.15
C SER B 59 8.88 29.19 5.50
N VAL B 60 8.84 28.05 6.18
CA VAL B 60 8.14 27.91 7.46
C VAL B 60 9.10 28.37 8.55
N GLY B 61 8.81 29.53 9.14
CA GLY B 61 9.57 30.03 10.26
C GLY B 61 9.07 29.46 11.57
N PRO B 62 9.63 29.92 12.70
CA PRO B 62 9.17 29.40 13.99
C PRO B 62 7.68 29.61 14.25
N GLN B 63 7.12 30.75 13.85
CA GLN B 63 5.71 31.01 14.08
C GLN B 63 4.81 30.18 13.17
N MET B 64 5.16 30.09 11.88
CA MET B 64 4.34 29.31 10.96
C MET B 64 4.40 27.83 11.25
N HIS B 65 5.45 27.36 11.92
CA HIS B 65 5.51 25.96 12.29
C HIS B 65 4.46 25.63 13.34
N ARG B 66 4.25 26.53 14.30
CA ARG B 66 3.21 26.30 15.29
C ARG B 66 1.82 26.50 14.68
N ASP B 67 1.66 27.54 13.86
CA ASP B 67 0.36 27.83 13.26
C ASP B 67 -0.13 26.67 12.40
N LEU B 68 0.72 26.17 11.49
CA LEU B 68 0.33 25.03 10.68
C LEU B 68 -0.08 23.85 11.56
N ALA B 69 0.62 23.67 12.69
CA ALA B 69 0.34 22.51 13.53
C ALA B 69 -1.00 22.63 14.24
N ASP B 70 -1.32 23.83 14.74
CA ASP B 70 -2.42 24.00 15.68
C ASP B 70 -3.71 24.49 15.05
N ILE B 71 -3.72 24.79 13.76
CA ILE B 71 -4.91 25.41 13.18
C ILE B 71 -6.02 24.38 12.95
N TRP B 72 -5.66 23.12 12.72
CA TRP B 72 -6.61 22.12 12.21
C TRP B 72 -7.69 21.77 13.21
N PRO B 73 -7.38 21.59 14.51
CA PRO B 73 -8.47 21.37 15.47
C PRO B 73 -9.44 22.53 15.53
N VAL B 74 -8.99 23.75 15.27
CA VAL B 74 -9.87 24.91 15.28
C VAL B 74 -10.76 24.92 14.05
N ILE B 75 -10.19 24.60 12.88
CA ILE B 75 -10.96 24.52 11.65
C ILE B 75 -12.05 23.45 11.74
N ASP B 76 -11.72 22.31 12.36
CA ASP B 76 -12.64 21.19 12.39
C ASP B 76 -13.88 21.49 13.23
N ARG B 77 -13.75 22.37 14.22
CA ARG B 77 -14.86 22.81 15.07
C ARG B 77 -15.61 24.01 14.52
N ASP B 78 -15.28 24.48 13.31
CA ASP B 78 -15.88 25.68 12.75
C ASP B 78 -17.15 25.33 11.99
N PRO B 79 -18.33 25.76 12.45
CA PRO B 79 -19.56 25.46 11.70
C PRO B 79 -19.60 26.08 10.33
N ALA B 80 -18.89 27.19 10.14
CA ALA B 80 -18.89 27.88 8.85
C ALA B 80 -17.99 27.21 7.83
N VAL B 81 -17.06 26.36 8.25
CA VAL B 81 -16.08 25.77 7.35
C VAL B 81 -16.56 24.38 6.96
N ARG B 82 -16.65 24.16 5.65
CA ARG B 82 -17.05 22.88 5.11
C ARG B 82 -15.93 22.17 4.35
N ALA B 83 -14.89 22.90 3.94
CA ALA B 83 -13.76 22.31 3.25
C ALA B 83 -12.58 23.26 3.35
N VAL B 84 -11.38 22.72 3.12
CA VAL B 84 -10.15 23.49 3.25
C VAL B 84 -9.33 23.35 1.98
N LEU B 85 -8.85 24.47 1.45
CA LEU B 85 -7.94 24.50 0.32
C LEU B 85 -6.64 25.14 0.77
N VAL B 86 -5.56 24.34 0.83
CA VAL B 86 -4.24 24.78 1.29
C VAL B 86 -3.35 25.00 0.09
N ARG B 87 -2.64 26.12 0.07
CA ARG B 87 -1.71 26.38 -1.01
C ARG B 87 -0.67 27.40 -0.55
N GLY B 88 0.36 27.54 -1.37
CA GLY B 88 1.37 28.57 -1.18
C GLY B 88 1.10 29.72 -2.13
N GLU B 89 1.52 30.92 -1.73
CA GLU B 89 1.34 32.11 -2.56
C GLU B 89 2.33 32.11 -3.71
N GLY B 90 1.85 32.40 -4.92
CA GLY B 90 2.70 32.45 -6.07
C GLY B 90 2.96 31.09 -6.70
N LYS B 91 4.15 30.97 -7.30
CA LYS B 91 4.53 29.75 -8.02
C LYS B 91 5.35 28.81 -7.16
N ALA B 92 4.96 28.63 -5.88
CA ALA B 92 5.66 27.74 -4.96
C ALA B 92 4.71 27.42 -3.81
N PHE B 93 4.71 26.16 -3.39
CA PHE B 93 3.92 25.78 -2.22
C PHE B 93 4.60 26.24 -0.93
N SER B 94 5.67 25.56 -0.55
CA SER B 94 6.49 25.95 0.59
C SER B 94 7.84 25.26 0.48
N SER B 95 8.91 26.00 0.78
CA SER B 95 10.27 25.47 0.74
C SER B 95 10.67 24.79 2.04
N GLY B 96 9.77 24.67 3.01
CA GLY B 96 10.07 23.97 4.23
C GLY B 96 10.57 24.90 5.32
N GLY B 97 11.15 24.29 6.35
CA GLY B 97 11.61 25.08 7.49
C GLY B 97 12.74 26.02 7.09
N SER B 98 12.69 27.24 7.64
CA SER B 98 13.71 28.23 7.36
C SER B 98 14.99 27.90 8.12
N PHE B 99 16.07 28.60 7.75
CA PHE B 99 17.36 28.34 8.38
C PHE B 99 17.33 28.66 9.87
N ASP B 100 16.55 29.68 10.25
CA ASP B 100 16.39 30.02 11.67
C ASP B 100 15.65 28.94 12.44
N LEU B 101 14.69 28.27 11.79
CA LEU B 101 14.00 27.19 12.47
C LEU B 101 14.94 26.01 12.72
N ILE B 102 15.78 25.68 11.74
CA ILE B 102 16.73 24.58 11.92
C ILE B 102 17.80 24.95 12.94
N ASP B 103 18.26 26.21 12.93
CA ASP B 103 19.27 26.62 13.91
C ASP B 103 18.74 26.47 15.34
N GLU B 104 17.49 26.84 15.57
CA GLU B 104 16.93 26.69 16.92
C GLU B 104 16.84 25.24 17.34
N THR B 105 16.43 24.35 16.42
CA THR B 105 16.36 22.93 16.75
C THR B 105 17.72 22.41 17.21
N ILE B 106 18.79 22.78 16.50
CA ILE B 106 20.12 22.28 16.82
C ILE B 106 20.64 22.89 18.13
N GLY B 107 20.28 24.13 18.43
CA GLY B 107 20.99 24.89 19.43
C GLY B 107 20.39 24.93 20.83
N ASP B 108 19.09 24.70 20.96
CA ASP B 108 18.36 24.87 22.22
C ASP B 108 17.53 23.63 22.49
N TYR B 109 17.67 23.07 23.70
CA TYR B 109 16.88 21.88 24.06
C TYR B 109 15.40 22.22 24.14
N GLN B 110 15.06 23.32 24.84
CA GLN B 110 13.65 23.69 24.98
C GLN B 110 13.06 24.10 23.65
N GLY B 111 13.84 24.76 22.80
CA GLY B 111 13.38 25.05 21.45
C GLY B 111 13.23 23.79 20.61
N ARG B 112 14.15 22.84 20.77
CA ARG B 112 14.05 21.58 20.04
C ARG B 112 12.81 20.79 20.45
N VAL B 113 12.50 20.80 21.75
CA VAL B 113 11.32 20.09 22.24
C VAL B 113 10.03 20.73 21.73
N ARG B 114 9.97 22.07 21.73
CA ARG B 114 8.77 22.74 21.24
C ARG B 114 8.52 22.42 19.79
N ILE B 115 9.56 22.55 18.96
CA ILE B 115 9.45 22.25 17.54
C ILE B 115 9.11 20.78 17.32
N MET B 116 9.63 19.90 18.18
CA MET B 116 9.32 18.47 18.08
C MET B 116 7.84 18.21 18.33
N ARG B 117 7.27 18.86 19.35
CA ARG B 117 5.85 18.68 19.60
C ARG B 117 5.01 19.22 18.44
N GLU B 118 5.46 20.33 17.84
CA GLU B 118 4.73 20.93 16.72
C GLU B 118 4.79 20.04 15.48
N ALA B 119 5.93 19.38 15.25
CA ALA B 119 6.05 18.44 14.14
C ALA B 119 5.15 17.23 14.34
N ARG B 120 5.12 16.70 15.57
CA ARG B 120 4.25 15.57 15.89
C ARG B 120 2.78 15.95 15.74
N ASP B 121 2.38 17.09 16.32
CA ASP B 121 0.99 17.50 16.32
C ASP B 121 0.51 17.96 14.94
N LEU B 122 1.41 18.38 14.06
CA LEU B 122 0.99 18.73 12.71
C LEU B 122 0.38 17.52 12.03
N VAL B 123 1.11 16.40 12.04
CA VAL B 123 0.63 15.16 11.46
C VAL B 123 -0.63 14.67 12.16
N HIS B 124 -0.58 14.59 13.49
CA HIS B 124 -1.73 14.02 14.19
CA HIS B 124 -1.72 14.06 14.25
C HIS B 124 -2.97 14.90 14.08
N ASN B 125 -2.81 16.23 13.98
CA ASN B 125 -3.99 17.08 13.86
C ASN B 125 -4.58 17.06 12.45
N MET B 126 -3.75 17.03 11.41
CA MET B 126 -4.31 16.92 10.08
C MET B 126 -5.12 15.63 9.92
N ILE B 127 -4.59 14.53 10.45
CA ILE B 127 -5.27 13.25 10.34
C ILE B 127 -6.56 13.26 11.17
N ASN B 128 -6.55 13.88 12.34
CA ASN B 128 -7.72 13.87 13.22
C ASN B 128 -8.70 15.00 12.87
N CYS B 129 -8.46 15.72 11.79
CA CYS B 129 -9.38 16.72 11.28
C CYS B 129 -10.34 16.08 10.30
N ASP B 130 -11.63 15.96 10.66
CA ASP B 130 -12.60 15.33 9.78
C ASP B 130 -12.96 16.20 8.58
N THR B 131 -12.74 17.50 8.64
CA THR B 131 -13.11 18.38 7.54
C THR B 131 -12.22 18.11 6.33
N PRO B 132 -12.79 18.01 5.12
CA PRO B 132 -11.98 17.68 3.94
C PRO B 132 -10.94 18.75 3.63
N VAL B 133 -9.75 18.32 3.25
CA VAL B 133 -8.65 19.22 2.92
C VAL B 133 -8.16 18.91 1.52
N VAL B 134 -7.97 19.95 0.72
CA VAL B 134 -7.48 19.86 -0.65
C VAL B 134 -6.24 20.72 -0.78
N SER B 135 -5.17 20.18 -1.35
CA SER B 135 -3.91 20.91 -1.49
C SER B 135 -3.64 21.23 -2.95
N ALA B 136 -3.11 22.44 -3.19
CA ALA B 136 -2.77 22.92 -4.53
C ALA B 136 -1.26 23.12 -4.59
N ILE B 137 -0.56 22.09 -5.07
CA ILE B 137 0.89 22.04 -5.06
C ILE B 137 1.40 22.53 -6.42
N ARG B 138 1.79 23.79 -6.48
CA ARG B 138 2.49 24.36 -7.63
C ARG B 138 3.88 24.74 -7.13
N GLY B 139 4.91 24.24 -7.82
CA GLY B 139 6.26 24.60 -7.43
C GLY B 139 6.80 23.65 -6.38
N PRO B 140 7.82 24.09 -5.66
CA PRO B 140 8.47 23.20 -4.69
C PRO B 140 7.61 22.94 -3.46
N ALA B 141 7.66 21.72 -2.96
CA ALA B 141 7.07 21.34 -1.68
C ALA B 141 8.12 20.57 -0.91
N VAL B 142 8.62 21.14 0.18
CA VAL B 142 9.79 20.60 0.88
C VAL B 142 9.48 20.46 2.38
N GLY B 143 10.02 19.41 2.98
CA GLY B 143 9.99 19.22 4.42
C GLY B 143 8.63 19.47 5.07
N ALA B 144 8.59 20.44 5.99
CA ALA B 144 7.33 20.74 6.67
C ALA B 144 6.24 21.14 5.69
N GLY B 145 6.62 21.70 4.53
CA GLY B 145 5.64 22.05 3.53
C GLY B 145 5.08 20.84 2.80
N LEU B 146 5.96 19.87 2.49
CA LEU B 146 5.50 18.64 1.85
C LEU B 146 4.56 17.85 2.78
N VAL B 147 4.69 18.03 4.10
CA VAL B 147 3.79 17.36 5.03
C VAL B 147 2.35 17.79 4.78
N VAL B 148 2.12 19.11 4.71
CA VAL B 148 0.76 19.62 4.49
C VAL B 148 0.28 19.22 3.11
N ALA B 149 1.16 19.26 2.11
CA ALA B 149 0.78 18.98 0.73
C ALA B 149 0.28 17.54 0.57
N LEU B 150 0.97 16.58 1.19
CA LEU B 150 0.69 15.17 0.96
C LEU B 150 -0.31 14.58 1.94
N LEU B 151 -0.45 15.16 3.13
CA LEU B 151 -1.44 14.69 4.09
C LEU B 151 -2.84 15.24 3.83
N ALA B 152 -2.99 16.19 2.90
CA ALA B 152 -4.32 16.58 2.47
C ALA B 152 -5.04 15.39 1.86
N ASP B 153 -6.38 15.44 1.91
CA ASP B 153 -7.18 14.32 1.42
C ASP B 153 -6.98 14.14 -0.08
N ILE B 154 -7.14 15.21 -0.84
CA ILE B 154 -6.94 15.20 -2.28
C ILE B 154 -5.83 16.20 -2.57
N SER B 155 -4.78 15.75 -3.23
CA SER B 155 -3.63 16.60 -3.53
C SER B 155 -3.51 16.81 -5.03
N VAL B 156 -3.44 18.07 -5.45
CA VAL B 156 -3.32 18.46 -6.85
C VAL B 156 -1.92 19.04 -7.06
N ALA B 157 -1.11 18.38 -7.90
CA ALA B 157 0.26 18.79 -8.15
C ALA B 157 0.45 19.23 -9.60
N GLY B 158 1.20 20.32 -9.79
CA GLY B 158 1.59 20.71 -11.13
C GLY B 158 2.62 19.78 -11.72
N ARG B 159 2.70 19.77 -13.06
CA ARG B 159 3.60 18.84 -13.75
C ARG B 159 5.05 19.04 -13.29
N THR B 160 5.48 20.29 -13.16
CA THR B 160 6.85 20.63 -12.84
C THR B 160 7.07 20.89 -11.35
N ALA B 161 6.13 20.50 -10.51
CA ALA B 161 6.25 20.72 -9.07
C ALA B 161 7.28 19.77 -8.50
N LYS B 162 8.28 20.31 -7.82
CA LYS B 162 9.31 19.50 -7.17
C LYS B 162 8.80 19.07 -5.80
N LEU B 163 8.71 17.75 -5.57
CA LEU B 163 8.29 17.21 -4.28
C LEU B 163 9.49 16.50 -3.65
N ILE B 164 10.01 17.08 -2.58
CA ILE B 164 11.24 16.60 -1.94
C ILE B 164 11.04 16.54 -0.45
N ASP B 165 11.11 15.32 0.12
CA ASP B 165 11.17 15.20 1.57
C ASP B 165 12.42 15.87 2.12
N GLY B 166 13.59 15.50 1.59
CA GLY B 166 14.80 16.28 1.77
C GLY B 166 15.59 16.04 3.04
N HIS B 167 15.11 15.15 3.93
CA HIS B 167 15.70 15.04 5.25
C HIS B 167 17.10 14.42 5.21
N THR B 168 17.26 13.28 4.54
CA THR B 168 18.57 12.63 4.58
C THR B 168 19.62 13.48 3.86
N LYS B 169 19.21 14.25 2.84
CA LYS B 169 20.14 15.18 2.21
C LYS B 169 20.51 16.31 3.16
N LEU B 170 19.59 16.66 4.09
CA LEU B 170 19.93 17.65 5.10
C LEU B 170 20.83 17.06 6.19
N GLY B 171 20.73 15.77 6.44
CA GLY B 171 21.49 15.10 7.46
C GLY B 171 20.72 14.71 8.71
N VAL B 172 19.40 14.58 8.62
CA VAL B 172 18.56 14.18 9.75
C VAL B 172 17.57 13.14 9.23
N ALA B 173 17.04 12.35 10.15
CA ALA B 173 16.12 11.28 9.80
C ALA B 173 14.81 11.85 9.28
N ALA B 174 14.18 11.10 8.37
CA ALA B 174 12.97 11.57 7.69
C ALA B 174 11.78 11.29 8.62
N GLY B 175 11.59 12.17 9.60
CA GLY B 175 10.62 11.92 10.63
C GLY B 175 9.52 12.95 10.87
N ASP B 176 9.09 13.67 9.83
CA ASP B 176 8.01 14.64 10.02
C ASP B 176 6.70 14.24 9.37
N HIS B 177 6.67 13.13 8.60
CA HIS B 177 5.42 12.59 8.07
C HIS B 177 5.63 11.30 7.27
N ALA B 178 6.76 11.19 6.56
CA ALA B 178 6.87 10.17 5.52
C ALA B 178 6.72 8.76 6.08
N ALA B 179 7.14 8.53 7.32
CA ALA B 179 7.03 7.20 7.91
C ALA B 179 5.60 6.81 8.24
N ILE B 180 4.64 7.73 8.17
CA ILE B 180 3.26 7.38 8.47
C ILE B 180 2.47 7.08 7.20
N CYS B 181 2.96 7.47 6.03
CA CYS B 181 2.09 7.40 4.86
C CYS B 181 2.80 6.90 3.60
N TRP B 182 4.04 7.33 3.36
CA TRP B 182 4.66 7.06 2.06
C TRP B 182 4.58 5.60 1.62
N PRO B 183 4.83 4.60 2.48
CA PRO B 183 4.63 3.21 2.03
C PRO B 183 3.21 2.96 1.56
N LEU B 184 2.22 3.54 2.22
CA LEU B 184 0.83 3.37 1.82
C LEU B 184 0.43 4.29 0.68
N LEU B 185 1.36 5.07 0.14
CA LEU B 185 1.12 5.92 -1.02
C LEU B 185 1.75 5.38 -2.29
N VAL B 186 3.03 5.03 -2.23
CA VAL B 186 3.76 4.61 -3.43
C VAL B 186 4.28 3.18 -3.33
N GLY B 187 4.13 2.51 -2.20
CA GLY B 187 4.78 1.23 -2.00
C GLY B 187 6.15 1.37 -1.39
N MET B 188 6.59 0.32 -0.70
CA MET B 188 7.82 0.43 0.08
C MET B 188 9.04 0.63 -0.81
N ALA B 189 9.04 0.05 -2.02
CA ALA B 189 10.22 0.13 -2.87
C ALA B 189 10.47 1.56 -3.35
N LYS B 190 9.39 2.26 -3.76
CA LYS B 190 9.52 3.67 -4.14
C LYS B 190 9.67 4.55 -2.90
N ALA B 191 8.95 4.22 -1.82
CA ALA B 191 9.07 4.99 -0.59
C ALA B 191 10.52 4.98 -0.10
N LYS B 192 11.13 3.81 -0.02
CA LYS B 192 12.50 3.74 0.43
C LYS B 192 13.43 4.44 -0.56
N TYR B 193 13.13 4.35 -1.86
CA TYR B 193 14.04 4.94 -2.84
C TYR B 193 14.12 6.45 -2.70
N TYR B 194 12.96 7.13 -2.73
CA TYR B 194 12.99 8.59 -2.71
C TYR B 194 13.32 9.14 -1.33
N LEU B 195 12.94 8.43 -0.26
CA LEU B 195 13.20 8.97 1.06
C LEU B 195 14.66 8.82 1.45
N LEU B 196 15.31 7.73 1.03
CA LEU B 196 16.71 7.56 1.38
C LEU B 196 17.65 8.37 0.49
N THR B 197 17.30 8.58 -0.80
CA THR B 197 18.19 9.28 -1.72
C THR B 197 17.82 10.74 -1.94
N CYS B 198 16.58 11.14 -1.64
CA CYS B 198 16.11 12.52 -1.80
C CYS B 198 16.25 13.00 -3.24
N GLU B 199 16.21 12.06 -4.18
CA GLU B 199 16.10 12.43 -5.57
C GLU B 199 14.82 13.24 -5.79
N THR B 200 14.93 14.28 -6.61
CA THR B 200 13.78 15.14 -6.84
C THR B 200 12.67 14.34 -7.49
N LEU B 201 11.48 14.42 -6.92
CA LEU B 201 10.29 13.77 -7.46
C LEU B 201 9.42 14.87 -8.06
N LEU B 202 9.30 14.89 -9.37
CA LEU B 202 8.46 15.89 -10.03
C LEU B 202 6.99 15.48 -9.94
N GLY B 203 6.12 16.47 -10.14
CA GLY B 203 4.70 16.22 -9.93
C GLY B 203 4.12 15.18 -10.88
N GLU B 204 4.54 15.20 -12.14
CA GLU B 204 4.01 14.25 -13.11
C GLU B 204 4.33 12.81 -12.72
N GLU B 205 5.58 12.57 -12.29
CA GLU B 205 5.96 11.24 -11.83
C GLU B 205 5.33 10.91 -10.48
N ALA B 206 5.09 11.92 -9.64
CA ALA B 206 4.47 11.65 -8.34
C ALA B 206 3.08 11.05 -8.50
N GLU B 207 2.30 11.55 -9.45
CA GLU B 207 0.95 11.03 -9.65
C GLU B 207 0.96 9.61 -10.18
N ARG B 208 1.93 9.26 -11.03
CA ARG B 208 1.96 7.92 -11.61
C ARG B 208 2.19 6.85 -10.56
N ILE B 209 3.04 7.13 -9.57
CA ILE B 209 3.32 6.13 -8.54
C ILE B 209 2.31 6.20 -7.40
N GLY B 210 1.47 7.23 -7.34
CA GLY B 210 0.40 7.30 -6.37
C GLY B 210 0.67 8.17 -5.16
N LEU B 211 1.66 9.06 -5.21
CA LEU B 211 1.94 9.92 -4.07
C LEU B 211 0.95 11.06 -3.95
N VAL B 212 0.44 11.54 -5.09
CA VAL B 212 -0.55 12.60 -5.14
C VAL B 212 -1.78 12.09 -5.88
N SER B 213 -2.90 12.81 -5.70
CA SER B 213 -4.17 12.41 -6.27
C SER B 213 -4.24 12.70 -7.77
N LEU B 214 -3.80 13.90 -8.19
CA LEU B 214 -3.95 14.32 -9.57
C LEU B 214 -2.71 15.10 -10.01
N CYS B 215 -2.48 15.10 -11.32
CA CYS B 215 -1.48 15.96 -11.94
C CYS B 215 -2.10 16.68 -13.12
N VAL B 216 -2.09 18.01 -13.09
CA VAL B 216 -2.57 18.84 -14.19
C VAL B 216 -1.49 19.86 -14.53
N ASP B 217 -1.71 20.59 -15.62
CA ASP B 217 -0.77 21.64 -16.01
C ASP B 217 -0.58 22.64 -14.88
N ASP B 218 0.63 23.23 -14.83
CA ASP B 218 0.97 24.14 -13.73
C ASP B 218 -0.03 25.29 -13.63
N ASP B 219 -0.45 25.81 -14.78
CA ASP B 219 -1.38 26.93 -14.81
C ASP B 219 -2.79 26.55 -14.35
N ASP B 220 -3.08 25.26 -14.19
CA ASP B 220 -4.41 24.79 -13.85
C ASP B 220 -4.49 24.19 -12.45
N VAL B 221 -3.43 24.32 -11.64
CA VAL B 221 -3.41 23.66 -10.33
C VAL B 221 -4.41 24.32 -9.39
N LEU B 222 -4.41 25.65 -9.33
CA LEU B 222 -5.27 26.35 -8.39
C LEU B 222 -6.73 26.26 -8.79
N SER B 223 -7.03 26.43 -10.08
CA SER B 223 -8.40 26.28 -10.53
C SER B 223 -8.92 24.85 -10.32
N THR B 224 -8.08 23.85 -10.56
CA THR B 224 -8.54 22.46 -10.38
C THR B 224 -8.83 22.17 -8.91
N ALA B 225 -7.92 22.55 -8.02
CA ALA B 225 -8.10 22.31 -6.58
C ALA B 225 -9.29 23.07 -6.00
N ALA B 226 -9.45 24.34 -6.38
CA ALA B 226 -10.58 25.11 -5.87
C ALA B 226 -11.90 24.46 -6.25
N GLY B 227 -12.01 23.97 -7.48
CA GLY B 227 -13.23 23.29 -7.90
C GLY B 227 -13.47 22.00 -7.14
N ILE B 228 -12.41 21.25 -6.88
CA ILE B 228 -12.54 20.03 -6.10
C ILE B 228 -13.00 20.36 -4.68
N ALA B 229 -12.34 21.34 -4.05
CA ALA B 229 -12.73 21.74 -2.71
C ALA B 229 -14.15 22.28 -2.66
N GLY B 230 -14.58 22.98 -3.72
CA GLY B 230 -15.94 23.47 -3.77
C GLY B 230 -16.97 22.37 -3.75
N LYS B 231 -16.78 21.35 -4.59
CA LYS B 231 -17.75 20.25 -4.66
C LYS B 231 -17.81 19.47 -3.35
N LEU B 232 -16.70 19.42 -2.60
CA LEU B 232 -16.71 18.74 -1.30
C LEU B 232 -17.50 19.54 -0.27
N ALA B 233 -17.38 20.87 -0.31
CA ALA B 233 -18.13 21.70 0.63
C ALA B 233 -19.62 21.73 0.30
N GLN B 234 -20.00 21.33 -0.91
CA GLN B 234 -21.38 21.28 -1.35
C GLN B 234 -21.95 19.85 -1.34
N GLY B 235 -21.20 18.89 -0.81
CA GLY B 235 -21.64 17.51 -0.75
C GLY B 235 -22.26 17.15 0.58
N ALA B 236 -22.44 15.84 0.79
CA ALA B 236 -23.02 15.33 2.02
C ALA B 236 -22.00 15.38 3.14
N GLN B 237 -22.19 16.28 4.11
CA GLN B 237 -21.13 16.60 5.07
C GLN B 237 -20.72 15.38 5.87
N HIS B 238 -21.69 14.71 6.52
CA HIS B 238 -21.36 13.56 7.34
C HIS B 238 -20.86 12.40 6.50
N ALA B 239 -21.35 12.26 5.27
CA ALA B 239 -20.88 11.18 4.41
C ALA B 239 -19.41 11.39 4.04
N ILE B 240 -19.06 12.60 3.61
CA ILE B 240 -17.67 12.86 3.21
C ILE B 240 -16.76 12.76 4.42
N GLN B 241 -17.19 13.32 5.55
CA GLN B 241 -16.32 13.40 6.71
C GLN B 241 -16.13 12.04 7.38
N TRP B 242 -17.19 11.23 7.46
CA TRP B 242 -17.03 9.92 8.09
C TRP B 242 -16.29 8.94 7.18
N THR B 243 -16.47 9.06 5.86
CA THR B 243 -15.66 8.26 4.95
C THR B 243 -14.20 8.62 5.08
N LYS B 244 -13.92 9.94 5.15
CA LYS B 244 -12.55 10.39 5.31
C LYS B 244 -11.96 9.91 6.62
N ARG B 245 -12.74 9.95 7.71
CA ARG B 245 -12.24 9.54 9.01
C ARG B 245 -11.92 8.05 9.05
N SER B 246 -12.78 7.23 8.46
CA SER B 246 -12.53 5.79 8.44
C SER B 246 -11.24 5.46 7.71
N LEU B 247 -11.03 6.09 6.55
CA LEU B 247 -9.79 5.86 5.79
C LEU B 247 -8.57 6.30 6.60
N ASN B 248 -8.73 7.30 7.47
CA ASN B 248 -7.60 7.83 8.22
C ASN B 248 -7.12 6.88 9.31
N HIS B 249 -7.91 5.86 9.66
CA HIS B 249 -7.44 4.87 10.63
C HIS B 249 -6.22 4.14 10.12
N TRP B 250 -6.09 4.01 8.79
CA TRP B 250 -4.90 3.42 8.20
C TRP B 250 -3.64 4.18 8.62
N TYR B 251 -3.68 5.50 8.59
CA TYR B 251 -2.58 6.31 9.11
C TYR B 251 -2.52 6.21 10.63
N ARG B 252 -3.68 6.38 11.29
CA ARG B 252 -3.72 6.38 12.75
C ARG B 252 -3.07 5.11 13.31
N MET B 253 -3.27 3.96 12.66
CA MET B 253 -2.68 2.73 13.16
CA MET B 253 -2.68 2.72 13.13
C MET B 253 -1.16 2.70 13.00
N MET B 254 -0.60 3.55 12.15
CA MET B 254 0.86 3.68 12.03
C MET B 254 1.40 4.79 12.92
N GLY B 255 0.57 5.31 13.83
CA GLY B 255 0.96 6.36 14.74
C GLY B 255 2.26 6.10 15.47
N PRO B 256 2.35 5.01 16.24
CA PRO B 256 3.61 4.73 16.94
C PRO B 256 4.81 4.64 16.02
N THR B 257 4.64 4.11 14.81
CA THR B 257 5.76 4.10 13.87
C THR B 257 6.16 5.52 13.50
N PHE B 258 5.18 6.38 13.24
CA PHE B 258 5.50 7.76 12.91
C PHE B 258 6.19 8.47 14.07
N GLU B 259 5.70 8.29 15.30
CA GLU B 259 6.33 8.97 16.42
C GLU B 259 7.72 8.45 16.68
N THR B 260 8.00 7.21 16.27
CA THR B 260 9.37 6.70 16.29
C THR B 260 10.27 7.49 15.35
N SER B 261 9.78 7.80 14.15
CA SER B 261 10.58 8.58 13.21
C SER B 261 10.78 9.99 13.71
N VAL B 262 9.78 10.56 14.40
CA VAL B 262 9.93 11.91 14.95
C VAL B 262 11.11 11.94 15.92
N GLY B 263 11.17 10.99 16.85
CA GLY B 263 12.24 10.98 17.82
C GLY B 263 13.60 10.75 17.19
N LEU B 264 13.66 9.84 16.22
CA LEU B 264 14.94 9.60 15.54
C LEU B 264 15.40 10.85 14.81
N GLU B 265 14.47 11.61 14.21
CA GLU B 265 14.85 12.86 13.56
C GLU B 265 15.47 13.83 14.56
N PHE B 266 14.81 14.03 15.69
CA PHE B 266 15.29 15.04 16.62
C PHE B 266 16.49 14.58 17.44
N LEU B 267 16.72 13.27 17.54
CA LEU B 267 18.00 12.80 18.06
C LEU B 267 19.15 13.12 17.11
N SER B 268 18.92 13.00 15.79
CA SER B 268 19.97 13.28 14.83
C SER B 268 20.30 14.77 14.72
N PHE B 269 19.39 15.66 15.13
CA PHE B 269 19.70 17.08 15.11
C PHE B 269 20.84 17.42 16.05
N SER B 270 21.14 16.55 17.01
CA SER B 270 22.31 16.73 17.88
C SER B 270 23.57 16.10 17.32
N GLY B 271 23.52 15.50 16.13
CA GLY B 271 24.69 14.87 15.56
C GLY B 271 25.46 15.82 14.69
N PRO B 272 26.65 15.39 14.26
CA PRO B 272 27.51 16.28 13.45
C PRO B 272 27.11 16.37 11.99
N ASP B 273 26.38 15.40 11.45
CA ASP B 273 26.09 15.39 10.02
C ASP B 273 25.24 16.58 9.61
N VAL B 274 24.21 16.91 10.41
CA VAL B 274 23.27 17.97 10.03
C VAL B 274 23.99 19.31 9.96
N GLN B 275 24.94 19.55 10.87
CA GLN B 275 25.71 20.77 10.85
C GLN B 275 26.35 20.97 9.49
N GLU B 276 26.84 19.87 8.91
CA GLU B 276 27.41 19.92 7.57
C GLU B 276 26.33 20.06 6.51
N GLY B 277 25.22 19.34 6.63
CA GLY B 277 24.17 19.46 5.65
C GLY B 277 23.56 20.85 5.63
N LEU B 278 23.39 21.45 6.81
CA LEU B 278 22.88 22.81 6.86
C LEU B 278 23.89 23.79 6.30
N ALA B 279 25.16 23.63 6.67
CA ALA B 279 26.20 24.49 6.13
C ALA B 279 26.28 24.35 4.62
N ALA B 280 26.12 23.13 4.11
CA ALA B 280 26.17 22.92 2.66
C ALA B 280 25.00 23.61 1.97
N HIS B 281 23.82 23.60 2.61
CA HIS B 281 22.67 24.30 2.05
C HIS B 281 22.89 25.80 2.00
N ARG B 282 23.42 26.39 3.08
CA ARG B 282 23.68 27.83 3.13
C ARG B 282 24.80 28.25 2.19
N GLU B 283 25.64 27.31 1.76
CA GLU B 283 26.84 27.60 0.97
C GLU B 283 26.71 27.23 -0.50
N LYS B 284 25.52 26.78 -0.93
CA LYS B 284 25.25 26.48 -2.34
C LYS B 284 26.24 25.43 -2.90
N ARG B 285 26.40 24.35 -2.13
CA ARG B 285 27.30 23.24 -2.47
C ARG B 285 26.70 21.91 -2.03
N ALA B 286 27.31 20.82 -2.47
CA ALA B 286 26.95 19.49 -2.02
C ALA B 286 27.58 19.20 -0.65
N ALA B 287 26.85 18.44 0.16
CA ALA B 287 27.33 18.11 1.50
C ALA B 287 28.37 16.99 1.43
N ARG B 288 29.49 17.17 2.12
CA ARG B 288 30.54 16.15 2.24
C ARG B 288 30.50 15.61 3.67
N PHE B 289 29.73 14.55 3.88
CA PHE B 289 29.63 13.97 5.22
C PHE B 289 30.80 13.05 5.54
N THR B 290 31.18 13.02 6.82
CA THR B 290 32.22 12.11 7.31
C THR B 290 31.74 11.34 8.55
N PRO C 24 36.47 2.09 27.33
CA PRO C 24 36.04 1.45 26.09
C PRO C 24 35.16 0.22 26.31
N VAL C 25 34.28 -0.05 25.35
CA VAL C 25 33.46 -1.26 25.33
C VAL C 25 34.02 -2.18 24.25
N SER C 26 34.49 -3.35 24.66
CA SER C 26 35.14 -4.29 23.75
C SER C 26 34.08 -5.10 23.00
N HIS C 27 34.14 -5.05 21.66
CA HIS C 27 33.22 -5.73 20.75
C HIS C 27 34.00 -6.66 19.82
N PRO C 28 33.47 -7.85 19.52
CA PRO C 28 34.28 -8.84 18.80
C PRO C 28 34.61 -8.39 17.40
N PRO C 29 35.76 -8.81 16.86
CA PRO C 29 36.11 -8.41 15.49
C PRO C 29 35.26 -9.17 14.47
N VAL C 30 35.20 -8.62 13.26
CA VAL C 30 34.33 -9.10 12.20
C VAL C 30 35.16 -9.49 10.99
N ASP C 31 35.02 -10.74 10.56
CA ASP C 31 35.46 -11.17 9.23
C ASP C 31 34.48 -12.23 8.76
N TYR C 32 34.18 -12.21 7.47
CA TYR C 32 33.10 -13.01 6.90
C TYR C 32 33.54 -14.41 6.48
N HIS C 33 34.64 -14.89 7.01
CA HIS C 33 35.05 -16.27 6.79
C HIS C 33 34.01 -17.25 7.32
N ASP C 34 33.14 -16.83 8.23
CA ASP C 34 32.11 -17.68 8.80
C ASP C 34 30.98 -17.97 7.82
N PHE C 35 31.03 -17.41 6.62
CA PHE C 35 30.00 -17.57 5.59
C PHE C 35 30.65 -18.04 4.29
N PRO C 36 31.01 -19.32 4.19
CA PRO C 36 31.85 -19.76 3.05
C PRO C 36 31.14 -19.79 1.71
N SER C 37 29.82 -19.85 1.67
CA SER C 37 29.12 -19.94 0.39
C SER C 37 28.96 -18.59 -0.28
N LEU C 38 29.24 -17.51 0.43
CA LEU C 38 29.02 -16.15 -0.05
C LEU C 38 30.36 -15.45 -0.21
N ARG C 39 30.59 -14.84 -1.37
CA ARG C 39 31.78 -14.02 -1.57
C ARG C 39 31.48 -12.59 -1.14
N CYS C 40 32.35 -12.05 -0.28
CA CYS C 40 32.16 -10.74 0.32
C CYS C 40 33.38 -9.89 0.03
N GLU C 41 33.17 -8.76 -0.65
CA GLU C 41 34.22 -7.84 -1.05
C GLU C 41 33.95 -6.48 -0.46
N LEU C 42 34.91 -5.95 0.28
CA LEU C 42 34.80 -4.63 0.91
C LEU C 42 35.54 -3.61 0.08
N GLY C 43 34.85 -2.55 -0.33
CA GLY C 43 35.43 -1.52 -1.16
C GLY C 43 35.85 -0.30 -0.37
N ASP C 44 36.59 0.59 -1.05
CA ASP C 44 36.98 1.85 -0.43
C ASP C 44 35.79 2.77 -0.18
N ASP C 45 34.73 2.63 -0.99
CA ASP C 45 33.56 3.48 -0.81
C ASP C 45 32.79 3.12 0.44
N GLY C 46 33.10 2.00 1.08
CA GLY C 46 32.37 1.51 2.21
C GLY C 46 31.31 0.49 1.88
N VAL C 47 31.14 0.16 0.60
CA VAL C 47 30.14 -0.80 0.16
C VAL C 47 30.68 -2.21 0.30
N LEU C 48 29.92 -3.06 0.98
CA LEU C 48 30.21 -4.48 1.02
C LEU C 48 29.43 -5.14 -0.11
N THR C 49 30.14 -5.70 -1.08
CA THR C 49 29.50 -6.43 -2.16
C THR C 49 29.39 -7.89 -1.74
N VAL C 50 28.15 -8.39 -1.73
CA VAL C 50 27.85 -9.77 -1.38
C VAL C 50 27.40 -10.48 -2.65
N VAL C 51 28.16 -11.48 -3.08
CA VAL C 51 27.96 -12.13 -4.37
C VAL C 51 27.46 -13.56 -4.14
N LEU C 52 26.31 -13.87 -4.74
CA LEU C 52 25.75 -15.22 -4.75
C LEU C 52 26.29 -15.93 -5.99
N ASP C 53 27.18 -16.90 -5.78
CA ASP C 53 27.83 -17.61 -6.88
C ASP C 53 27.84 -19.10 -6.58
N SER C 54 27.12 -19.89 -7.38
CA SER C 54 26.99 -21.32 -7.17
C SER C 54 26.45 -21.94 -8.45
N PRO C 55 26.59 -23.26 -8.62
CA PRO C 55 26.10 -23.90 -9.84
C PRO C 55 24.58 -23.79 -9.97
N GLY C 56 24.12 -23.79 -11.22
CA GLY C 56 22.69 -23.84 -11.49
C GLY C 56 22.03 -22.50 -11.35
N LEU C 57 22.61 -21.47 -11.98
CA LEU C 57 22.12 -20.10 -11.91
C LEU C 57 22.09 -19.62 -10.46
N ASN C 58 23.20 -19.83 -9.75
CA ASN C 58 23.37 -19.39 -8.37
C ASN C 58 22.27 -19.98 -7.46
N SER C 59 22.17 -21.31 -7.49
CA SER C 59 21.19 -22.00 -6.67
C SER C 59 21.66 -22.07 -5.22
N VAL C 60 20.71 -21.91 -4.30
CA VAL C 60 20.99 -21.87 -2.87
C VAL C 60 20.99 -23.29 -2.35
N GLY C 61 22.16 -23.80 -1.99
CA GLY C 61 22.28 -25.11 -1.39
C GLY C 61 22.02 -25.02 0.10
N PRO C 62 22.20 -26.14 0.82
CA PRO C 62 21.99 -26.10 2.28
C PRO C 62 22.87 -25.08 2.99
N GLN C 63 24.13 -24.94 2.60
CA GLN C 63 25.04 -24.03 3.29
C GLN C 63 24.68 -22.58 3.02
N MET C 64 24.42 -22.24 1.76
CA MET C 64 24.07 -20.86 1.43
C MET C 64 22.72 -20.46 2.01
N HIS C 65 21.86 -21.43 2.31
CA HIS C 65 20.60 -21.06 2.92
C HIS C 65 20.82 -20.54 4.34
N ARG C 66 21.76 -21.12 5.09
CA ARG C 66 22.04 -20.60 6.42
C ARG C 66 22.82 -19.30 6.36
N ASP C 67 23.82 -19.22 5.49
CA ASP C 67 24.65 -18.02 5.40
C ASP C 67 23.81 -16.79 5.05
N LEU C 68 22.96 -16.92 4.04
CA LEU C 68 22.06 -15.81 3.70
C LEU C 68 21.24 -15.39 4.91
N ALA C 69 20.84 -16.35 5.76
CA ALA C 69 20.00 -16.02 6.90
C ALA C 69 20.78 -15.25 7.97
N ASP C 70 21.99 -15.70 8.27
CA ASP C 70 22.73 -15.26 9.44
C ASP C 70 23.78 -14.18 9.16
N ILE C 71 23.97 -13.79 7.90
CA ILE C 71 25.05 -12.86 7.59
C ILE C 71 24.72 -11.44 8.03
N TRP C 72 23.43 -11.09 8.06
CA TRP C 72 22.98 -9.70 8.22
C TRP C 72 23.26 -9.15 9.61
N PRO C 73 23.09 -9.91 10.71
CA PRO C 73 23.46 -9.36 12.01
C PRO C 73 24.93 -8.99 12.11
N VAL C 74 25.81 -9.73 11.43
CA VAL C 74 27.23 -9.46 11.49
C VAL C 74 27.56 -8.22 10.66
N ILE C 75 26.97 -8.13 9.46
CA ILE C 75 27.17 -6.93 8.64
C ILE C 75 26.69 -5.69 9.37
N ASP C 76 25.55 -5.80 10.07
CA ASP C 76 25.00 -4.62 10.72
C ASP C 76 25.89 -4.12 11.85
N ARG C 77 26.68 -5.02 12.45
CA ARG C 77 27.63 -4.69 13.51
C ARG C 77 29.03 -4.36 12.97
N ASP C 78 29.21 -4.28 11.65
CA ASP C 78 30.53 -4.09 11.06
C ASP C 78 30.86 -2.60 10.96
N PRO C 79 31.90 -2.12 11.67
CA PRO C 79 32.24 -0.68 11.58
C PRO C 79 32.73 -0.25 10.21
N ALA C 80 33.33 -1.15 9.43
CA ALA C 80 33.88 -0.78 8.13
C ALA C 80 32.82 -0.71 7.04
N VAL C 81 31.64 -1.27 7.28
CA VAL C 81 30.59 -1.38 6.28
C VAL C 81 29.58 -0.26 6.48
N ARG C 82 29.34 0.51 5.43
CA ARG C 82 28.35 1.58 5.44
C ARG C 82 27.17 1.31 4.52
N ALA C 83 27.29 0.36 3.60
CA ALA C 83 26.21 -0.01 2.68
C ALA C 83 26.52 -1.39 2.12
N VAL C 84 25.49 -2.06 1.62
CA VAL C 84 25.62 -3.43 1.10
C VAL C 84 25.03 -3.48 -0.29
N LEU C 85 25.78 -4.05 -1.23
CA LEU C 85 25.33 -4.27 -2.60
C LEU C 85 25.31 -5.77 -2.87
N VAL C 86 24.14 -6.31 -3.10
CA VAL C 86 23.95 -7.73 -3.36
C VAL C 86 23.75 -7.91 -4.86
N ARG C 87 24.38 -8.94 -5.41
CA ARG C 87 24.17 -9.25 -6.82
C ARG C 87 24.41 -10.73 -7.02
N GLY C 88 23.96 -11.24 -8.16
CA GLY C 88 24.23 -12.61 -8.57
C GLY C 88 25.35 -12.61 -9.58
N GLU C 89 26.18 -13.65 -9.52
CA GLU C 89 27.29 -13.73 -10.45
C GLU C 89 26.82 -14.26 -11.79
N GLY C 90 27.26 -13.61 -12.87
CA GLY C 90 26.87 -14.05 -14.19
C GLY C 90 25.52 -13.50 -14.59
N LYS C 91 24.80 -14.30 -15.39
CA LYS C 91 23.51 -13.88 -15.93
C LYS C 91 22.35 -14.38 -15.07
N ALA C 92 22.47 -14.30 -13.74
CA ALA C 92 21.41 -14.74 -12.85
C ALA C 92 21.65 -14.16 -11.46
N PHE C 93 20.58 -13.71 -10.83
CA PHE C 93 20.66 -13.30 -9.43
C PHE C 93 20.73 -14.54 -8.54
N SER C 94 19.62 -15.28 -8.45
CA SER C 94 19.62 -16.58 -7.79
C SER C 94 18.36 -17.36 -8.19
N SER C 95 18.54 -18.65 -8.44
CA SER C 95 17.47 -19.56 -8.83
C SER C 95 16.75 -20.17 -7.63
N GLY C 96 17.09 -19.77 -6.40
CA GLY C 96 16.36 -20.24 -5.23
C GLY C 96 16.97 -21.48 -4.62
N GLY C 97 16.17 -22.14 -3.77
CA GLY C 97 16.65 -23.33 -3.11
C GLY C 97 16.90 -24.45 -4.09
N SER C 98 18.00 -25.17 -3.88
CA SER C 98 18.40 -26.27 -4.74
C SER C 98 17.55 -27.51 -4.46
N PHE C 99 17.65 -28.48 -5.37
CA PHE C 99 16.87 -29.70 -5.20
C PHE C 99 17.29 -30.49 -3.96
N ASP C 100 18.58 -30.46 -3.60
CA ASP C 100 19.01 -31.11 -2.35
C ASP C 100 18.45 -30.39 -1.14
N LEU C 101 18.29 -29.07 -1.20
CA LEU C 101 17.66 -28.36 -0.09
C LEU C 101 16.20 -28.75 0.05
N ILE C 102 15.48 -28.83 -1.07
CA ILE C 102 14.07 -29.22 -1.06
C ILE C 102 13.94 -30.68 -0.62
N ASP C 103 14.89 -31.52 -1.04
CA ASP C 103 14.87 -32.92 -0.66
C ASP C 103 15.00 -33.09 0.85
N GLU C 104 15.88 -32.32 1.48
CA GLU C 104 16.02 -32.40 2.93
C GLU C 104 14.76 -31.89 3.62
N THR C 105 14.16 -30.83 3.07
CA THR C 105 12.89 -30.31 3.58
C THR C 105 11.79 -31.37 3.57
N ILE C 106 11.67 -32.10 2.46
CA ILE C 106 10.58 -33.07 2.34
C ILE C 106 10.82 -34.27 3.25
N GLY C 107 12.08 -34.67 3.44
CA GLY C 107 12.38 -35.97 4.00
C GLY C 107 12.73 -36.06 5.47
N ASP C 108 13.26 -34.99 6.06
CA ASP C 108 13.83 -35.06 7.41
C ASP C 108 13.21 -33.96 8.27
N TYR C 109 12.68 -34.35 9.42
CA TYR C 109 12.07 -33.39 10.32
C TYR C 109 13.08 -32.40 10.86
N GLN C 110 14.21 -32.89 11.38
CA GLN C 110 15.21 -31.99 11.94
C GLN C 110 15.81 -31.09 10.87
N GLY C 111 15.99 -31.61 9.65
CA GLY C 111 16.41 -30.76 8.55
C GLY C 111 15.36 -29.76 8.13
N ARG C 112 14.09 -30.16 8.14
CA ARG C 112 13.00 -29.25 7.80
C ARG C 112 12.90 -28.12 8.82
N VAL C 113 13.05 -28.45 10.09
CA VAL C 113 12.98 -27.41 11.12
C VAL C 113 14.16 -26.45 10.97
N ARG C 114 15.36 -26.98 10.66
CA ARG C 114 16.53 -26.13 10.48
C ARG C 114 16.34 -25.18 9.30
N ILE C 115 15.91 -25.73 8.17
CA ILE C 115 15.67 -24.90 6.98
C ILE C 115 14.56 -23.90 7.27
N MET C 116 13.53 -24.33 8.00
CA MET C 116 12.40 -23.47 8.34
C MET C 116 12.83 -22.30 9.20
N ARG C 117 13.70 -22.54 10.18
CA ARG C 117 14.22 -21.46 11.01
C ARG C 117 15.02 -20.47 10.19
N GLU C 118 15.78 -20.97 9.21
CA GLU C 118 16.61 -20.11 8.37
C GLU C 118 15.74 -19.23 7.45
N ALA C 119 14.68 -19.81 6.88
CA ALA C 119 13.77 -19.03 6.04
C ALA C 119 13.13 -17.90 6.83
N ARG C 120 12.76 -18.17 8.08
CA ARG C 120 12.22 -17.14 8.97
C ARG C 120 13.26 -16.06 9.24
N ASP C 121 14.46 -16.48 9.63
CA ASP C 121 15.50 -15.53 10.03
C ASP C 121 16.06 -14.76 8.86
N LEU C 122 15.96 -15.28 7.63
CA LEU C 122 16.42 -14.51 6.49
C LEU C 122 15.63 -13.20 6.38
N VAL C 123 14.30 -13.31 6.36
CA VAL C 123 13.45 -12.14 6.29
C VAL C 123 13.65 -11.24 7.52
N HIS C 124 13.58 -11.83 8.72
CA HIS C 124 13.66 -11.05 9.95
CA HIS C 124 13.63 -10.98 9.90
C HIS C 124 14.99 -10.32 10.08
N ASN C 125 16.07 -10.98 9.65
CA ASN C 125 17.38 -10.36 9.86
C ASN C 125 17.65 -9.26 8.84
N MET C 126 17.19 -9.42 7.60
CA MET C 126 17.30 -8.32 6.65
C MET C 126 16.50 -7.11 7.10
N ILE C 127 15.30 -7.32 7.63
CA ILE C 127 14.47 -6.19 8.05
C ILE C 127 15.09 -5.50 9.27
N ASN C 128 15.70 -6.26 10.18
CA ASN C 128 16.31 -5.71 11.38
C ASN C 128 17.76 -5.27 11.16
N CYS C 129 18.22 -5.27 9.92
CA CYS C 129 19.53 -4.77 9.58
C CYS C 129 19.39 -3.29 9.25
N ASP C 130 19.94 -2.41 10.10
CA ASP C 130 19.84 -0.98 9.85
C ASP C 130 20.72 -0.52 8.68
N THR C 131 21.74 -1.30 8.30
CA THR C 131 22.65 -0.89 7.23
C THR C 131 21.90 -0.88 5.88
N PRO C 132 22.09 0.16 5.05
CA PRO C 132 21.38 0.21 3.75
C PRO C 132 21.82 -0.92 2.84
N VAL C 133 20.85 -1.53 2.16
CA VAL C 133 21.11 -2.65 1.26
C VAL C 133 20.52 -2.33 -0.11
N VAL C 134 21.31 -2.54 -1.16
CA VAL C 134 20.91 -2.28 -2.54
C VAL C 134 21.10 -3.57 -3.33
N SER C 135 20.08 -3.97 -4.09
CA SER C 135 20.17 -5.19 -4.88
C SER C 135 20.29 -4.87 -6.36
N ALA C 136 21.12 -5.63 -7.05
CA ALA C 136 21.36 -5.50 -8.48
C ALA C 136 20.83 -6.76 -9.14
N ILE C 137 19.59 -6.68 -9.61
CA ILE C 137 18.86 -7.84 -10.13
C ILE C 137 19.02 -7.85 -11.64
N ARG C 138 20.00 -8.61 -12.12
CA ARG C 138 20.14 -8.91 -13.54
C ARG C 138 19.91 -10.41 -13.74
N GLY C 139 18.92 -10.75 -14.55
CA GLY C 139 18.56 -12.12 -14.81
C GLY C 139 17.52 -12.61 -13.82
N PRO C 140 17.29 -13.93 -13.80
CA PRO C 140 16.19 -14.45 -12.97
C PRO C 140 16.49 -14.40 -11.48
N ALA C 141 15.44 -14.11 -10.71
CA ALA C 141 15.46 -14.18 -9.25
C ALA C 141 14.23 -14.95 -8.81
N VAL C 142 14.44 -16.10 -8.18
CA VAL C 142 13.37 -17.03 -7.83
C VAL C 142 13.46 -17.35 -6.36
N GLY C 143 12.32 -17.52 -5.72
CA GLY C 143 12.22 -17.98 -4.35
C GLY C 143 13.17 -17.32 -3.37
N ALA C 144 14.00 -18.14 -2.70
CA ALA C 144 14.90 -17.61 -1.67
C ALA C 144 15.81 -16.53 -2.24
N GLY C 145 16.09 -16.57 -3.54
CA GLY C 145 16.86 -15.50 -4.15
C GLY C 145 16.04 -14.22 -4.32
N LEU C 146 14.76 -14.38 -4.71
CA LEU C 146 13.86 -13.23 -4.83
C LEU C 146 13.64 -12.55 -3.49
N VAL C 147 13.77 -13.30 -2.40
CA VAL C 147 13.65 -12.71 -1.07
C VAL C 147 14.71 -11.63 -0.87
N VAL C 148 15.97 -11.93 -1.20
CA VAL C 148 17.04 -10.96 -1.03
C VAL C 148 16.85 -9.79 -2.00
N ALA C 149 16.43 -10.07 -3.23
CA ALA C 149 16.32 -9.02 -4.23
C ALA C 149 15.28 -7.98 -3.83
N LEU C 150 14.14 -8.42 -3.30
CA LEU C 150 13.02 -7.53 -3.03
C LEU C 150 13.01 -6.97 -1.62
N LEU C 151 13.64 -7.64 -0.66
CA LEU C 151 13.75 -7.11 0.69
C LEU C 151 14.90 -6.11 0.85
N ALA C 152 15.78 -5.97 -0.14
CA ALA C 152 16.73 -4.88 -0.10
C ALA C 152 15.98 -3.56 -0.11
N ASP C 153 16.66 -2.51 0.38
CA ASP C 153 16.04 -1.20 0.48
C ASP C 153 15.71 -0.63 -0.89
N ILE C 154 16.71 -0.57 -1.76
CA ILE C 154 16.54 -0.04 -3.11
C ILE C 154 16.88 -1.18 -4.06
N SER C 155 15.95 -1.50 -4.95
CA SER C 155 16.13 -2.61 -5.87
C SER C 155 16.19 -2.08 -7.30
N VAL C 156 17.26 -2.45 -8.01
CA VAL C 156 17.48 -2.11 -9.41
C VAL C 156 17.31 -3.38 -10.22
N ALA C 157 16.28 -3.42 -11.06
CA ALA C 157 15.98 -4.61 -11.86
C ALA C 157 16.19 -4.31 -13.34
N GLY C 158 16.78 -5.26 -14.06
CA GLY C 158 16.89 -5.12 -15.49
C GLY C 158 15.55 -5.25 -16.18
N ARG C 159 15.45 -4.68 -17.38
CA ARG C 159 14.17 -4.65 -18.08
C ARG C 159 13.64 -6.06 -18.29
N THR C 160 14.50 -6.99 -18.70
CA THR C 160 14.11 -8.34 -19.05
C THR C 160 14.40 -9.35 -17.95
N ALA C 161 14.62 -8.89 -16.71
CA ALA C 161 14.89 -9.79 -15.60
C ALA C 161 13.60 -10.49 -15.17
N LYS C 162 13.63 -11.82 -15.14
CA LYS C 162 12.46 -12.59 -14.74
C LYS C 162 12.38 -12.65 -13.21
N LEU C 163 11.29 -12.14 -12.65
CA LEU C 163 11.02 -12.18 -11.21
C LEU C 163 9.86 -13.14 -10.97
N ILE C 164 10.15 -14.27 -10.33
CA ILE C 164 9.20 -15.35 -10.14
C ILE C 164 9.27 -15.80 -8.69
N ASP C 165 8.17 -15.66 -7.95
CA ASP C 165 8.10 -16.27 -6.63
C ASP C 165 8.17 -17.79 -6.75
N GLY C 166 7.30 -18.37 -7.57
CA GLY C 166 7.44 -19.75 -8.03
C GLY C 166 6.86 -20.82 -7.13
N HIS C 167 6.30 -20.46 -5.97
CA HIS C 167 5.89 -21.49 -5.02
C HIS C 167 4.67 -22.28 -5.49
N THR C 168 3.60 -21.59 -5.91
CA THR C 168 2.40 -22.35 -6.28
C THR C 168 2.61 -23.17 -7.55
N LYS C 169 3.46 -22.72 -8.47
CA LYS C 169 3.78 -23.56 -9.62
C LYS C 169 4.57 -24.78 -9.17
N LEU C 170 5.33 -24.65 -8.09
CA LEU C 170 6.04 -25.78 -7.51
C LEU C 170 5.11 -26.68 -6.69
N GLY C 171 4.05 -26.14 -6.12
CA GLY C 171 3.12 -26.91 -5.32
C GLY C 171 3.19 -26.68 -3.82
N VAL C 172 3.70 -25.55 -3.36
CA VAL C 172 3.79 -25.23 -1.93
C VAL C 172 3.39 -23.78 -1.73
N ALA C 173 3.03 -23.45 -0.48
CA ALA C 173 2.58 -22.12 -0.13
C ALA C 173 3.74 -21.13 -0.24
N ALA C 174 3.40 -19.88 -0.58
CA ALA C 174 4.39 -18.82 -0.81
C ALA C 174 4.77 -18.19 0.54
N GLY C 175 5.71 -18.84 1.22
CA GLY C 175 6.01 -18.44 2.57
C GLY C 175 7.45 -18.08 2.85
N ASP C 176 8.18 -17.52 1.88
CA ASP C 176 9.56 -17.13 2.13
C ASP C 176 9.79 -15.63 2.22
N HIS C 177 8.77 -14.80 1.91
CA HIS C 177 8.86 -13.34 2.07
C HIS C 177 7.57 -12.63 1.63
N ALA C 178 6.94 -13.14 0.57
CA ALA C 178 5.94 -12.36 -0.16
C ALA C 178 4.77 -11.97 0.74
N ALA C 179 4.43 -12.80 1.74
CA ALA C 179 3.32 -12.45 2.61
C ALA C 179 3.63 -11.29 3.55
N ILE C 180 4.88 -10.84 3.62
CA ILE C 180 5.24 -9.71 4.48
C ILE C 180 5.31 -8.38 3.73
N CYS C 181 5.38 -8.38 2.40
CA CYS C 181 5.69 -7.14 1.70
C CYS C 181 4.90 -6.91 0.43
N TRP C 182 4.64 -7.95 -0.37
CA TRP C 182 4.06 -7.75 -1.70
C TRP C 182 2.80 -6.88 -1.69
N PRO C 183 1.83 -7.08 -0.80
CA PRO C 183 0.68 -6.16 -0.78
C PRO C 183 1.09 -4.71 -0.60
N LEU C 184 2.10 -4.44 0.23
CA LEU C 184 2.58 -3.08 0.42
C LEU C 184 3.58 -2.66 -0.65
N LEU C 185 3.86 -3.51 -1.64
CA LEU C 185 4.70 -3.11 -2.77
C LEU C 185 3.87 -2.80 -4.01
N VAL C 186 2.96 -3.69 -4.38
CA VAL C 186 2.21 -3.55 -5.63
C VAL C 186 0.72 -3.40 -5.43
N GLY C 187 0.22 -3.53 -4.21
CA GLY C 187 -1.22 -3.56 -3.97
C GLY C 187 -1.75 -4.98 -4.01
N MET C 188 -2.87 -5.19 -3.31
CA MET C 188 -3.35 -6.56 -3.14
C MET C 188 -3.78 -7.21 -4.46
N ALA C 189 -4.33 -6.43 -5.39
CA ALA C 189 -4.85 -7.04 -6.61
C ALA C 189 -3.72 -7.59 -7.48
N LYS C 190 -2.62 -6.86 -7.62
CA LYS C 190 -1.48 -7.38 -8.38
C LYS C 190 -0.75 -8.45 -7.59
N ALA C 191 -0.68 -8.30 -6.28
CA ALA C 191 0.01 -9.28 -5.44
C ALA C 191 -0.63 -10.65 -5.58
N LYS C 192 -1.95 -10.74 -5.41
CA LYS C 192 -2.60 -12.04 -5.47
C LYS C 192 -2.49 -12.66 -6.86
N TYR C 193 -2.53 -11.83 -7.91
CA TYR C 193 -2.45 -12.35 -9.27
C TYR C 193 -1.10 -13.04 -9.52
N TYR C 194 0.01 -12.35 -9.21
CA TYR C 194 1.33 -12.89 -9.52
C TYR C 194 1.75 -14.01 -8.56
N LEU C 195 1.29 -13.96 -7.30
CA LEU C 195 1.70 -14.97 -6.32
C LEU C 195 0.92 -16.28 -6.48
N LEU C 196 -0.35 -16.20 -6.87
CA LEU C 196 -1.17 -17.41 -7.03
C LEU C 196 -0.94 -18.12 -8.37
N THR C 197 -0.66 -17.36 -9.43
CA THR C 197 -0.51 -17.94 -10.77
C THR C 197 0.95 -18.13 -11.20
N CYS C 198 1.90 -17.44 -10.56
CA CYS C 198 3.32 -17.54 -10.88
C CYS C 198 3.64 -17.14 -12.33
N GLU C 199 2.81 -16.27 -12.91
CA GLU C 199 3.15 -15.65 -14.18
C GLU C 199 4.46 -14.86 -14.05
N THR C 200 5.32 -14.99 -15.06
CA THR C 200 6.61 -14.31 -15.00
C THR C 200 6.41 -12.80 -14.96
N LEU C 201 7.06 -12.14 -14.00
CA LEU C 201 7.02 -10.69 -13.87
C LEU C 201 8.37 -10.15 -14.29
N LEU C 202 8.40 -9.43 -15.41
CA LEU C 202 9.66 -8.86 -15.88
C LEU C 202 9.99 -7.57 -15.12
N GLY C 203 11.26 -7.18 -15.20
CA GLY C 203 11.72 -6.05 -14.40
C GLY C 203 11.04 -4.74 -14.77
N GLU C 204 10.78 -4.54 -16.06
CA GLU C 204 10.15 -3.29 -16.50
C GLU C 204 8.75 -3.15 -15.92
N GLU C 205 7.96 -4.22 -15.97
CA GLU C 205 6.63 -4.19 -15.38
C GLU C 205 6.69 -4.21 -13.86
N ALA C 206 7.74 -4.81 -13.29
CA ALA C 206 7.90 -4.81 -11.84
C ALA C 206 8.11 -3.40 -11.31
N GLU C 207 8.88 -2.57 -12.04
CA GLU C 207 9.07 -1.19 -11.63
C GLU C 207 7.79 -0.37 -11.78
N ARG C 208 7.03 -0.63 -12.84
CA ARG C 208 5.84 0.17 -13.10
C ARG C 208 4.80 -0.02 -11.99
N ILE C 209 4.61 -1.25 -11.53
CA ILE C 209 3.61 -1.52 -10.50
C ILE C 209 4.13 -1.28 -9.09
N GLY C 210 5.43 -1.07 -8.93
CA GLY C 210 5.98 -0.74 -7.64
C GLY C 210 6.64 -1.87 -6.87
N LEU C 211 6.96 -2.98 -7.53
CA LEU C 211 7.60 -4.09 -6.84
C LEU C 211 9.09 -3.83 -6.63
N VAL C 212 9.73 -3.10 -7.55
CA VAL C 212 11.14 -2.73 -7.44
C VAL C 212 11.26 -1.21 -7.53
N SER C 213 12.40 -0.71 -7.05
CA SER C 213 12.60 0.74 -7.00
C SER C 213 12.88 1.32 -8.38
N LEU C 214 13.72 0.65 -9.17
CA LEU C 214 14.20 1.19 -10.43
C LEU C 214 14.25 0.08 -11.47
N CYS C 215 14.13 0.47 -12.74
CA CYS C 215 14.34 -0.43 -13.87
C CYS C 215 15.26 0.26 -14.87
N VAL C 216 16.37 -0.39 -15.21
CA VAL C 216 17.31 0.10 -16.22
C VAL C 216 17.57 -1.03 -17.20
N ASP C 217 18.29 -0.70 -18.27
CA ASP C 217 18.73 -1.75 -19.19
C ASP C 217 19.56 -2.79 -18.43
N ASP C 218 19.51 -4.03 -18.92
CA ASP C 218 20.15 -5.14 -18.21
C ASP C 218 21.65 -4.89 -18.01
N ASP C 219 22.34 -4.39 -19.05
CA ASP C 219 23.77 -4.11 -18.94
C ASP C 219 24.09 -2.92 -18.03
N ASP C 220 23.08 -2.17 -17.60
CA ASP C 220 23.28 -0.98 -16.81
C ASP C 220 22.85 -1.17 -15.36
N VAL C 221 22.49 -2.41 -15.00
CA VAL C 221 21.95 -2.68 -13.67
C VAL C 221 23.04 -2.57 -12.61
N LEU C 222 24.21 -3.16 -12.88
CA LEU C 222 25.25 -3.22 -11.86
C LEU C 222 25.89 -1.85 -11.62
N SER C 223 26.19 -1.11 -12.69
CA SER C 223 26.76 0.23 -12.51
C SER C 223 25.77 1.15 -11.79
N THR C 224 24.48 1.04 -12.12
CA THR C 224 23.47 1.87 -11.46
C THR C 224 23.36 1.53 -9.99
N ALA C 225 23.30 0.24 -9.66
CA ALA C 225 23.21 -0.17 -8.27
C ALA C 225 24.47 0.22 -7.51
N ALA C 226 25.63 0.00 -8.11
CA ALA C 226 26.88 0.38 -7.47
C ALA C 226 26.92 1.87 -7.17
N GLY C 227 26.43 2.69 -8.11
CA GLY C 227 26.41 4.12 -7.86
C GLY C 227 25.51 4.48 -6.70
N ILE C 228 24.33 3.86 -6.62
CA ILE C 228 23.40 4.14 -5.53
C ILE C 228 24.00 3.74 -4.19
N ALA C 229 24.56 2.52 -4.12
CA ALA C 229 25.17 2.06 -2.88
C ALA C 229 26.36 2.93 -2.49
N GLY C 230 27.10 3.44 -3.49
CA GLY C 230 28.20 4.35 -3.17
C GLY C 230 27.70 5.63 -2.53
N LYS C 231 26.71 6.28 -3.15
CA LYS C 231 26.20 7.54 -2.59
C LYS C 231 25.53 7.33 -1.24
N LEU C 232 24.99 6.14 -0.99
CA LEU C 232 24.41 5.86 0.32
C LEU C 232 25.48 5.71 1.40
N ALA C 233 26.62 5.11 1.05
CA ALA C 233 27.70 4.93 2.01
C ALA C 233 28.42 6.23 2.34
N GLN C 234 28.28 7.26 1.49
CA GLN C 234 28.90 8.56 1.73
C GLN C 234 27.91 9.58 2.30
N GLY C 235 26.69 9.17 2.63
CA GLY C 235 25.68 10.06 3.13
C GLY C 235 25.64 10.08 4.65
N ALA C 236 24.57 10.67 5.18
CA ALA C 236 24.38 10.75 6.62
C ALA C 236 23.97 9.38 7.14
N GLN C 237 24.89 8.71 7.84
N GLN C 237 24.86 8.70 7.85
CA GLN C 237 24.68 7.34 8.28
CA GLN C 237 24.61 7.31 8.21
C GLN C 237 23.45 7.24 9.17
C GLN C 237 23.44 7.20 9.19
N HIS C 238 23.46 7.97 10.28
CA HIS C 238 22.36 7.91 11.23
C HIS C 238 21.05 8.34 10.59
N ALA C 239 21.08 9.31 9.68
CA ALA C 239 19.84 9.73 9.03
C ALA C 239 19.31 8.63 8.12
N ILE C 240 20.18 8.06 7.27
CA ILE C 240 19.74 7.04 6.33
C ILE C 240 19.32 5.77 7.07
N GLN C 241 20.10 5.35 8.07
CA GLN C 241 19.79 4.09 8.75
C GLN C 241 18.52 4.21 9.58
N TRP C 242 18.33 5.36 10.25
CA TRP C 242 17.12 5.53 11.05
C TRP C 242 15.90 5.78 10.20
N THR C 243 16.04 6.46 9.06
CA THR C 243 14.91 6.57 8.14
C THR C 243 14.50 5.20 7.63
N LYS C 244 15.50 4.38 7.27
CA LYS C 244 15.23 3.03 6.82
C LYS C 244 14.59 2.19 7.92
N ARG C 245 15.07 2.31 9.16
CA ARG C 245 14.55 1.49 10.25
C ARG C 245 13.09 1.81 10.55
N SER C 246 12.72 3.10 10.54
CA SER C 246 11.33 3.46 10.76
C SER C 246 10.44 2.90 9.66
N LEU C 247 10.85 3.04 8.41
CA LEU C 247 10.08 2.48 7.32
C LEU C 247 9.92 0.96 7.48
N ASN C 248 10.91 0.32 8.10
CA ASN C 248 10.86 -1.13 8.23
C ASN C 248 9.89 -1.61 9.30
N HIS C 249 9.39 -0.71 10.16
CA HIS C 249 8.36 -1.12 11.11
C HIS C 249 7.11 -1.56 10.37
N TRP C 250 6.86 -1.02 9.18
CA TRP C 250 5.72 -1.47 8.37
C TRP C 250 5.77 -2.96 8.11
N TYR C 251 6.94 -3.48 7.74
CA TYR C 251 7.11 -4.93 7.59
C TYR C 251 7.05 -5.65 8.93
N ARG C 252 7.77 -5.15 9.93
CA ARG C 252 7.84 -5.82 11.23
C ARG C 252 6.44 -6.04 11.81
N MET C 253 5.55 -5.06 11.63
CA MET C 253 4.20 -5.22 12.16
CA MET C 253 4.19 -5.21 12.15
C MET C 253 3.44 -6.33 11.47
N MET C 254 3.91 -6.79 10.31
CA MET C 254 3.31 -7.92 9.62
C MET C 254 4.04 -9.21 9.89
N GLY C 255 4.94 -9.23 10.88
CA GLY C 255 5.69 -10.39 11.25
C GLY C 255 4.84 -11.63 11.43
N PRO C 256 3.85 -11.59 12.34
CA PRO C 256 2.99 -12.76 12.53
C PRO C 256 2.33 -13.24 11.24
N THR C 257 1.94 -12.33 10.35
CA THR C 257 1.39 -12.76 9.06
C THR C 257 2.43 -13.53 8.26
N PHE C 258 3.67 -13.03 8.24
CA PHE C 258 4.74 -13.70 7.49
C PHE C 258 5.03 -15.08 8.07
N GLU C 259 5.10 -15.18 9.40
CA GLU C 259 5.39 -16.46 10.03
C GLU C 259 4.24 -17.46 9.88
N THR C 260 3.02 -16.97 9.68
CA THR C 260 1.92 -17.86 9.32
C THR C 260 2.20 -18.52 7.97
N SER C 261 2.63 -17.73 6.99
CA SER C 261 2.91 -18.30 5.67
C SER C 261 4.12 -19.23 5.71
N VAL C 262 5.10 -18.94 6.58
CA VAL C 262 6.24 -19.84 6.72
C VAL C 262 5.76 -21.21 7.17
N GLY C 263 4.92 -21.24 8.20
CA GLY C 263 4.43 -22.52 8.70
C GLY C 263 3.59 -23.25 7.68
N LEU C 264 2.77 -22.50 6.94
CA LEU C 264 1.96 -23.13 5.90
C LEU C 264 2.82 -23.73 4.80
N GLU C 265 3.90 -23.04 4.41
CA GLU C 265 4.77 -23.56 3.36
C GLU C 265 5.38 -24.89 3.77
N PHE C 266 5.89 -24.97 4.99
CA PHE C 266 6.55 -26.20 5.43
C PHE C 266 5.56 -27.30 5.79
N LEU C 267 4.33 -26.95 6.12
CA LEU C 267 3.29 -27.96 6.20
C LEU C 267 2.99 -28.55 4.83
N SER C 268 2.98 -27.70 3.79
CA SER C 268 2.66 -28.16 2.45
C SER C 268 3.78 -28.99 1.83
N PHE C 269 5.02 -28.83 2.32
CA PHE C 269 6.11 -29.66 1.81
C PHE C 269 5.90 -31.13 2.12
N SER C 270 5.09 -31.45 3.12
CA SER C 270 4.75 -32.83 3.44
C SER C 270 3.56 -33.35 2.64
N GLY C 271 3.02 -32.54 1.74
CA GLY C 271 1.87 -32.93 0.96
C GLY C 271 2.24 -33.60 -0.36
N PRO C 272 1.21 -34.10 -1.06
CA PRO C 272 1.46 -34.79 -2.33
C PRO C 272 1.68 -33.85 -3.51
N ASP C 273 1.23 -32.60 -3.44
CA ASP C 273 1.32 -31.73 -4.60
C ASP C 273 2.77 -31.45 -4.99
N VAL C 274 3.63 -31.19 -4.00
CA VAL C 274 5.01 -30.77 -4.28
C VAL C 274 5.79 -31.88 -4.97
N GLN C 275 5.53 -33.13 -4.57
CA GLN C 275 6.21 -34.26 -5.20
C GLN C 275 5.97 -34.29 -6.71
N GLU C 276 4.75 -33.94 -7.15
CA GLU C 276 4.49 -33.85 -8.59
C GLU C 276 5.10 -32.59 -9.18
N GLY C 277 4.97 -31.45 -8.49
CA GLY C 277 5.53 -30.22 -9.00
C GLY C 277 7.04 -30.27 -9.09
N LEU C 278 7.68 -30.96 -8.16
CA LEU C 278 9.13 -31.16 -8.21
C LEU C 278 9.51 -32.06 -9.38
N ALA C 279 8.78 -33.18 -9.56
CA ALA C 279 9.03 -34.07 -10.69
C ALA C 279 8.78 -33.38 -12.02
N ALA C 280 7.79 -32.49 -12.09
CA ALA C 280 7.54 -31.78 -13.34
C ALA C 280 8.67 -30.80 -13.66
N HIS C 281 9.22 -30.15 -12.63
CA HIS C 281 10.36 -29.26 -12.86
C HIS C 281 11.58 -30.06 -13.31
N ARG C 282 11.81 -31.24 -12.72
CA ARG C 282 12.95 -32.08 -13.08
C ARG C 282 12.85 -32.65 -14.49
N GLU C 283 11.65 -32.74 -15.06
CA GLU C 283 11.48 -33.28 -16.39
C GLU C 283 11.19 -32.19 -17.41
N LYS C 284 11.24 -30.91 -16.98
CA LYS C 284 11.04 -29.75 -17.83
C LYS C 284 9.66 -29.78 -18.51
N ARG C 285 8.63 -30.03 -17.71
CA ARG C 285 7.27 -30.13 -18.22
C ARG C 285 6.33 -29.47 -17.24
N ALA C 286 5.08 -29.31 -17.67
CA ALA C 286 4.03 -28.77 -16.81
C ALA C 286 3.53 -29.83 -15.83
N ALA C 287 3.22 -29.37 -14.61
CA ALA C 287 2.75 -30.25 -13.55
C ALA C 287 1.26 -30.56 -13.71
N ARG C 288 0.90 -31.82 -13.52
CA ARG C 288 -0.49 -32.26 -13.54
C ARG C 288 -0.92 -32.52 -12.09
N PHE C 289 -1.45 -31.49 -11.43
CA PHE C 289 -1.87 -31.65 -10.06
C PHE C 289 -3.23 -32.34 -10.00
N THR C 290 -3.44 -33.13 -8.95
CA THR C 290 -4.70 -33.84 -8.75
C THR C 290 -5.30 -33.57 -7.37
#